data_6QYI
#
_entry.id   6QYI
#
_cell.length_a   188.160
_cell.length_b   188.160
_cell.length_c   162.500
_cell.angle_alpha   90.00
_cell.angle_beta   90.00
_cell.angle_gamma   120.00
#
_symmetry.space_group_name_H-M   'P 65 2 2'
#
loop_
_entity.id
_entity.type
_entity.pdbx_description
1 polymer '4-hydroxyphenylacetate 3-monooxygenase oxygenase component'
2 non-polymer 'FLAVIN-ADENINE DINUCLEOTIDE'
3 non-polymer 'TRIETHYLENE GLYCOL'
4 non-polymer DI(HYDROXYETHYL)ETHER
5 non-polymer '4-(2-HYDROXYETHYL)-1-PIPERAZINE ETHANESULFONIC ACID'
6 water water
#
_entity_poly.entity_id   1
_entity_poly.type   'polypeptide(L)'
_entity_poly.pdbx_seq_one_letter_code
;MKPEDFRASTQRPFTGEEYLKSLQDGREIYIYGERVKDVTTHPAFRNAAASVAQLYDALHKPEMQDSLCWNTDTGSGGYT
HKFFRVAKSADDLRQQRDAIAEWSRLSYGWMGRTPDYKAAFGCALGANPGFYGQFEQNARNWYTRIQETGLYFNHAIVNP
PIDRHLPTDKVKDVYIKLEKETDAGIIVSGAKVVATNSALTHYNMIGFGSAQVMGENPDFALMFVAPMDADGVKLISRAS
YEMVAGATGSPYDYPLSSRFDENDAILVMDNVLIPWENVLIYRDFDRCRRWTMEGGFARMYPLQACVRLAVKLDFITALL
KKSLECTGTLEFRGVQADLGEVVAWRNTFWALSDSMCSEATPWVNGAYLPDHAALQTYRVLAPMAYAKIKNIIERNVTSG
LIYLPSSARDLNNPQIDQYLAKYVRGSNGMDHVQRIKILKLMWDAIGSEFGGRHELYEINYSGSQDEIRLQCLRQAQNSG
NMDKMMAMVDRCLSEYDQDGWTVPHLHNNDDINMLDKLLK
;
_entity_poly.pdbx_strand_id   A,B
#
loop_
_chem_comp.id
_chem_comp.type
_chem_comp.name
_chem_comp.formula
EPE non-polymer '4-(2-HYDROXYETHYL)-1-PIPERAZINE ETHANESULFONIC ACID' 'C8 H18 N2 O4 S'
FAD non-polymer 'FLAVIN-ADENINE DINUCLEOTIDE' 'C27 H33 N9 O15 P2'
PEG non-polymer DI(HYDROXYETHYL)ETHER 'C4 H10 O3'
PGE non-polymer 'TRIETHYLENE GLYCOL' 'C6 H14 O4'
#
# COMPACT_ATOMS: atom_id res chain seq x y z
N MET A 1 -34.72 -30.58 -9.09
CA MET A 1 -33.85 -30.24 -10.22
C MET A 1 -32.60 -29.50 -9.74
N LYS A 2 -31.41 -29.88 -10.28
CA LYS A 2 -30.15 -29.23 -9.93
C LYS A 2 -30.13 -27.85 -10.63
N PRO A 3 -29.67 -26.75 -9.99
CA PRO A 3 -29.66 -25.45 -10.69
C PRO A 3 -28.86 -25.46 -12.00
N GLU A 4 -27.75 -26.21 -12.06
CA GLU A 4 -26.95 -26.28 -13.29
C GLU A 4 -27.60 -27.05 -14.43
N ASP A 5 -28.69 -27.80 -14.16
CA ASP A 5 -29.43 -28.52 -15.19
C ASP A 5 -30.21 -27.57 -16.08
N PHE A 6 -30.23 -26.26 -15.71
CA PHE A 6 -30.81 -25.18 -16.51
C PHE A 6 -29.90 -24.84 -17.71
N ARG A 7 -28.62 -25.27 -17.69
CA ARG A 7 -27.66 -25.03 -18.78
C ARG A 7 -27.97 -25.90 -20.00
N ALA A 8 -27.86 -25.32 -21.20
CA ALA A 8 -28.05 -26.07 -22.46
C ALA A 8 -26.78 -26.92 -22.77
N SER A 9 -25.67 -26.66 -22.04
CA SER A 9 -24.40 -27.39 -22.20
C SER A 9 -23.74 -27.64 -20.84
N THR A 10 -23.10 -28.81 -20.69
CA THR A 10 -22.35 -29.15 -19.46
C THR A 10 -20.86 -28.73 -19.60
N GLN A 11 -20.50 -28.12 -20.74
CA GLN A 11 -19.11 -27.73 -21.01
C GLN A 11 -18.84 -26.21 -20.87
N ARG A 12 -19.69 -25.51 -20.12
CA ARG A 12 -19.53 -24.08 -19.86
C ARG A 12 -20.38 -23.71 -18.67
N PRO A 13 -20.10 -22.57 -17.99
CA PRO A 13 -20.99 -22.13 -16.90
C PRO A 13 -22.30 -21.60 -17.48
N PHE A 14 -23.24 -21.20 -16.60
CA PHE A 14 -24.51 -20.61 -16.99
C PHE A 14 -24.31 -19.40 -17.93
N THR A 15 -25.32 -19.17 -18.79
CA THR A 15 -25.45 -17.91 -19.51
C THR A 15 -26.30 -17.08 -18.51
N GLY A 16 -26.48 -15.79 -18.74
CA GLY A 16 -27.32 -14.94 -17.89
C GLY A 16 -28.76 -15.42 -17.82
N GLU A 17 -29.32 -15.79 -18.98
CA GLU A 17 -30.69 -16.29 -19.09
C GLU A 17 -30.88 -17.61 -18.28
N GLU A 18 -29.91 -18.54 -18.39
CA GLU A 18 -29.98 -19.83 -17.65
C GLU A 18 -29.86 -19.57 -16.14
N TYR A 19 -28.97 -18.66 -15.76
CA TYR A 19 -28.78 -18.24 -14.36
C TYR A 19 -30.11 -17.69 -13.81
N LEU A 20 -30.78 -16.79 -14.54
CA LEU A 20 -32.05 -16.22 -14.07
C LEU A 20 -33.13 -17.31 -13.92
N LYS A 21 -33.21 -18.24 -14.88
CA LYS A 21 -34.16 -19.34 -14.83
C LYS A 21 -33.92 -20.20 -13.61
N SER A 22 -32.64 -20.44 -13.29
CA SER A 22 -32.27 -21.29 -12.15
C SER A 22 -32.71 -20.71 -10.79
N LEU A 23 -32.96 -19.40 -10.70
CA LEU A 23 -33.40 -18.73 -9.46
C LEU A 23 -34.91 -18.85 -9.26
N GLN A 24 -35.63 -19.27 -10.30
CA GLN A 24 -37.10 -19.38 -10.22
C GLN A 24 -37.46 -20.74 -9.59
N ASP A 25 -37.04 -20.95 -8.32
CA ASP A 25 -37.21 -22.20 -7.58
C ASP A 25 -38.13 -22.02 -6.36
N GLY A 26 -38.03 -22.92 -5.40
CA GLY A 26 -38.89 -22.81 -4.21
C GLY A 26 -38.34 -21.96 -3.08
N ARG A 27 -37.34 -21.06 -3.36
CA ARG A 27 -36.70 -20.23 -2.31
C ARG A 27 -37.70 -19.41 -1.51
N GLU A 28 -37.49 -19.36 -0.19
CA GLU A 28 -38.34 -18.66 0.75
C GLU A 28 -37.65 -17.37 1.18
N ILE A 29 -38.09 -16.26 0.60
CA ILE A 29 -37.54 -14.93 0.87
C ILE A 29 -38.67 -13.99 1.22
N TYR A 30 -38.42 -13.11 2.22
CA TYR A 30 -39.36 -12.09 2.66
C TYR A 30 -38.75 -10.71 2.52
N ILE A 31 -39.61 -9.74 2.21
CA ILE A 31 -39.24 -8.33 2.20
C ILE A 31 -40.51 -7.51 2.34
N TYR A 32 -40.44 -6.42 3.14
CA TYR A 32 -41.58 -5.53 3.36
C TYR A 32 -42.83 -6.30 3.83
N GLY A 33 -42.62 -7.27 4.72
CA GLY A 33 -43.71 -8.08 5.32
C GLY A 33 -44.39 -9.06 4.38
N GLU A 34 -43.81 -9.32 3.21
CA GLU A 34 -44.41 -10.18 2.19
C GLU A 34 -43.43 -11.21 1.67
N ARG A 35 -43.97 -12.35 1.22
CA ARG A 35 -43.14 -13.37 0.58
C ARG A 35 -42.79 -12.88 -0.83
N VAL A 36 -41.55 -13.11 -1.26
CA VAL A 36 -41.09 -12.75 -2.61
C VAL A 36 -41.42 -13.95 -3.52
N LYS A 37 -42.28 -13.73 -4.52
CA LYS A 37 -42.69 -14.82 -5.42
C LYS A 37 -41.56 -15.25 -6.35
N ASP A 38 -40.86 -14.28 -6.94
CA ASP A 38 -39.81 -14.57 -7.93
C ASP A 38 -38.78 -13.45 -7.86
N VAL A 39 -37.53 -13.76 -7.43
CA VAL A 39 -36.46 -12.75 -7.29
C VAL A 39 -36.10 -12.11 -8.63
N THR A 40 -36.32 -12.80 -9.76
CA THR A 40 -35.94 -12.28 -11.08
C THR A 40 -36.90 -11.18 -11.56
N THR A 41 -38.12 -11.12 -11.03
CA THR A 41 -39.12 -10.12 -11.43
C THR A 41 -39.50 -9.15 -10.30
N HIS A 42 -39.18 -9.50 -9.04
CA HIS A 42 -39.57 -8.67 -7.88
C HIS A 42 -38.86 -7.30 -7.96
N PRO A 43 -39.57 -6.18 -7.69
CA PRO A 43 -38.94 -4.85 -7.84
C PRO A 43 -37.78 -4.53 -6.87
N ALA A 44 -37.55 -5.38 -5.86
CA ALA A 44 -36.42 -5.17 -4.93
C ALA A 44 -35.15 -5.88 -5.41
N PHE A 45 -35.28 -6.84 -6.36
CA PHE A 45 -34.15 -7.68 -6.78
C PHE A 45 -33.87 -7.81 -8.29
N ARG A 46 -34.86 -7.52 -9.16
CA ARG A 46 -34.76 -7.73 -10.62
C ARG A 46 -33.50 -7.14 -11.27
N ASN A 47 -33.11 -5.91 -10.92
CA ASN A 47 -31.94 -5.29 -11.56
C ASN A 47 -30.63 -5.83 -11.01
N ALA A 48 -30.55 -6.09 -9.69
CA ALA A 48 -29.34 -6.71 -9.11
C ALA A 48 -29.17 -8.12 -9.76
N ALA A 49 -30.30 -8.83 -9.99
CA ALA A 49 -30.28 -10.15 -10.65
C ALA A 49 -29.80 -9.99 -12.09
N ALA A 50 -30.31 -8.97 -12.81
CA ALA A 50 -29.90 -8.69 -14.19
C ALA A 50 -28.40 -8.33 -14.26
N SER A 51 -27.88 -7.62 -13.23
CA SER A 51 -26.48 -7.22 -13.15
C SER A 51 -25.59 -8.44 -13.00
N VAL A 52 -25.98 -9.42 -12.14
CA VAL A 52 -25.21 -10.67 -11.98
C VAL A 52 -25.32 -11.50 -13.30
N ALA A 53 -26.52 -11.54 -13.91
CA ALA A 53 -26.73 -12.27 -15.17
C ALA A 53 -25.78 -11.77 -16.27
N GLN A 54 -25.46 -10.46 -16.28
CA GLN A 54 -24.54 -9.85 -17.23
C GLN A 54 -23.13 -10.44 -17.08
N LEU A 55 -22.71 -10.73 -15.84
CA LEU A 55 -21.41 -11.34 -15.57
C LEU A 55 -21.34 -12.72 -16.21
N TYR A 56 -22.42 -13.52 -16.06
CA TYR A 56 -22.46 -14.84 -16.70
C TYR A 56 -22.43 -14.72 -18.22
N ASP A 57 -23.17 -13.73 -18.80
CA ASP A 57 -23.16 -13.53 -20.27
C ASP A 57 -21.77 -13.20 -20.80
N ALA A 58 -20.99 -12.40 -20.04
CA ALA A 58 -19.63 -11.97 -20.42
C ALA A 58 -18.67 -13.15 -20.65
N LEU A 59 -18.87 -14.28 -19.92
CA LEU A 59 -18.06 -15.51 -20.04
C LEU A 59 -18.15 -16.15 -21.42
N HIS A 60 -19.22 -15.86 -22.16
CA HIS A 60 -19.44 -16.47 -23.46
C HIS A 60 -19.20 -15.52 -24.64
N LYS A 61 -18.66 -14.31 -24.38
N LYS A 61 -18.65 -14.32 -24.38
CA LYS A 61 -18.36 -13.31 -25.40
CA LYS A 61 -18.35 -13.33 -25.41
C LYS A 61 -16.93 -13.55 -25.92
C LYS A 61 -16.93 -13.53 -25.92
N PRO A 62 -16.73 -13.80 -27.25
CA PRO A 62 -15.36 -14.05 -27.76
C PRO A 62 -14.36 -12.93 -27.46
N GLU A 63 -14.81 -11.66 -27.47
CA GLU A 63 -13.95 -10.52 -27.15
C GLU A 63 -13.50 -10.46 -25.68
N MET A 64 -14.17 -11.23 -24.79
CA MET A 64 -13.83 -11.20 -23.37
C MET A 64 -13.31 -12.51 -22.77
N GLN A 65 -13.34 -13.61 -23.53
CA GLN A 65 -12.94 -14.94 -23.05
C GLN A 65 -11.46 -15.08 -22.72
N ASP A 66 -10.57 -14.36 -23.43
CA ASP A 66 -9.12 -14.36 -23.18
C ASP A 66 -8.83 -13.82 -21.77
N SER A 67 -9.52 -12.74 -21.38
CA SER A 67 -9.30 -12.18 -20.06
C SER A 67 -10.08 -12.92 -18.98
N LEU A 68 -11.27 -13.44 -19.29
CA LEU A 68 -12.12 -14.04 -18.27
C LEU A 68 -12.01 -15.53 -18.04
N CYS A 69 -11.71 -16.34 -19.09
CA CYS A 69 -11.85 -17.78 -19.01
C CYS A 69 -10.60 -18.61 -19.27
N TRP A 70 -10.66 -19.83 -18.74
CA TRP A 70 -9.67 -20.88 -18.97
C TRP A 70 -10.42 -22.17 -19.14
N ASN A 71 -9.78 -23.20 -19.72
N ASN A 71 -9.72 -23.21 -19.64
CA ASN A 71 -10.43 -24.49 -19.79
CA ASN A 71 -10.24 -24.57 -19.72
C ASN A 71 -10.41 -25.08 -18.36
C ASN A 71 -10.41 -25.06 -18.28
N THR A 72 -11.36 -25.97 -18.05
CA THR A 72 -11.49 -26.61 -16.74
C THR A 72 -10.29 -27.58 -16.57
N ASP A 73 -9.99 -27.99 -15.33
CA ASP A 73 -8.92 -28.95 -15.08
C ASP A 73 -9.54 -30.34 -14.78
N THR A 74 -10.86 -30.48 -15.05
CA THR A 74 -11.66 -31.66 -14.70
C THR A 74 -11.69 -32.79 -15.75
N GLY A 75 -11.25 -32.48 -16.97
CA GLY A 75 -11.30 -33.42 -18.09
C GLY A 75 -12.64 -33.37 -18.83
N SER A 76 -13.51 -32.40 -18.50
CA SER A 76 -14.82 -32.24 -19.16
C SER A 76 -14.70 -31.65 -20.57
N GLY A 77 -13.58 -30.99 -20.87
CA GLY A 77 -13.36 -30.29 -22.14
C GLY A 77 -14.05 -28.93 -22.16
N GLY A 78 -14.57 -28.49 -21.01
CA GLY A 78 -15.29 -27.22 -20.90
C GLY A 78 -14.41 -26.06 -20.50
N TYR A 79 -15.02 -24.89 -20.28
CA TYR A 79 -14.31 -23.69 -19.82
C TYR A 79 -15.04 -23.07 -18.63
N THR A 80 -14.38 -22.17 -17.90
CA THR A 80 -14.95 -21.52 -16.72
C THR A 80 -14.23 -20.20 -16.45
N HIS A 81 -14.76 -19.40 -15.51
CA HIS A 81 -14.07 -18.16 -15.11
C HIS A 81 -12.75 -18.60 -14.46
N LYS A 82 -11.65 -17.90 -14.78
CA LYS A 82 -10.31 -18.24 -14.30
C LYS A 82 -10.20 -18.50 -12.78
N PHE A 83 -10.94 -17.71 -11.96
CA PHE A 83 -10.88 -17.79 -10.49
C PHE A 83 -11.65 -19.00 -9.92
N PHE A 84 -12.32 -19.81 -10.80
CA PHE A 84 -13.08 -21.00 -10.40
C PHE A 84 -12.24 -22.27 -10.42
N ARG A 85 -10.97 -22.18 -10.82
CA ARG A 85 -10.06 -23.32 -10.81
C ARG A 85 -8.79 -23.00 -10.04
N VAL A 86 -8.22 -24.02 -9.38
CA VAL A 86 -7.02 -23.91 -8.53
C VAL A 86 -5.82 -23.31 -9.28
N ALA A 87 -5.21 -22.25 -8.71
CA ALA A 87 -4.02 -21.61 -9.27
C ALA A 87 -2.82 -22.51 -8.94
N LYS A 88 -1.93 -22.70 -9.91
CA LYS A 88 -0.74 -23.56 -9.75
C LYS A 88 0.59 -22.83 -10.01
N SER A 89 0.55 -21.48 -10.00
CA SER A 89 1.73 -20.62 -10.16
C SER A 89 1.40 -19.17 -9.80
N ALA A 90 2.44 -18.33 -9.73
CA ALA A 90 2.30 -16.89 -9.50
C ALA A 90 1.58 -16.28 -10.72
N ASP A 91 1.93 -16.76 -11.93
CA ASP A 91 1.29 -16.27 -13.15
C ASP A 91 -0.21 -16.61 -13.20
N ASP A 92 -0.60 -17.81 -12.72
CA ASP A 92 -2.02 -18.21 -12.67
C ASP A 92 -2.75 -17.19 -11.75
N LEU A 93 -2.16 -16.82 -10.61
CA LEU A 93 -2.78 -15.84 -9.70
C LEU A 93 -2.94 -14.48 -10.35
N ARG A 94 -1.91 -14.03 -11.14
CA ARG A 94 -1.97 -12.77 -11.88
C ARG A 94 -3.12 -12.79 -12.91
N GLN A 95 -3.25 -13.89 -13.66
CA GLN A 95 -4.34 -14.00 -14.65
C GLN A 95 -5.71 -14.01 -13.94
N GLN A 96 -5.81 -14.67 -12.78
CA GLN A 96 -7.06 -14.68 -11.99
C GLN A 96 -7.37 -13.25 -11.50
N ARG A 97 -6.33 -12.52 -11.05
CA ARG A 97 -6.42 -11.12 -10.60
C ARG A 97 -7.08 -10.28 -11.73
N ASP A 98 -6.58 -10.42 -12.99
CA ASP A 98 -7.11 -9.72 -14.15
C ASP A 98 -8.55 -10.14 -14.49
N ALA A 99 -8.88 -11.44 -14.38
CA ALA A 99 -10.23 -11.97 -14.66
C ALA A 99 -11.22 -11.41 -13.62
N ILE A 100 -10.79 -11.29 -12.34
CA ILE A 100 -11.62 -10.70 -11.29
C ILE A 100 -11.86 -9.21 -11.64
N ALA A 101 -10.78 -8.49 -12.03
CA ALA A 101 -10.86 -7.06 -12.36
C ALA A 101 -11.86 -6.84 -13.52
N GLU A 102 -11.78 -7.67 -14.59
CA GLU A 102 -12.67 -7.56 -15.73
C GLU A 102 -14.13 -7.72 -15.35
N TRP A 103 -14.44 -8.73 -14.52
CA TRP A 103 -15.82 -8.92 -14.05
C TRP A 103 -16.27 -7.76 -13.16
N SER A 104 -15.39 -7.30 -12.24
CA SER A 104 -15.70 -6.20 -11.31
C SER A 104 -16.02 -4.88 -12.04
N ARG A 105 -15.33 -4.62 -13.16
N ARG A 105 -15.33 -4.61 -13.16
CA ARG A 105 -15.53 -3.43 -14.00
CA ARG A 105 -15.57 -3.40 -13.97
C ARG A 105 -16.98 -3.34 -14.52
C ARG A 105 -17.00 -3.33 -14.51
N LEU A 106 -17.66 -4.49 -14.69
CA LEU A 106 -19.06 -4.56 -15.14
C LEU A 106 -20.04 -3.97 -14.11
N SER A 107 -19.63 -3.89 -12.82
CA SER A 107 -20.44 -3.22 -11.79
C SER A 107 -19.68 -1.99 -11.22
N TYR A 108 -18.58 -1.56 -11.90
CA TYR A 108 -17.76 -0.40 -11.49
C TYR A 108 -17.22 -0.53 -10.06
N GLY A 109 -17.03 -1.78 -9.61
CA GLY A 109 -16.54 -2.10 -8.27
C GLY A 109 -17.59 -2.10 -7.17
N TRP A 110 -18.89 -1.94 -7.53
CA TRP A 110 -19.97 -1.82 -6.51
C TRP A 110 -20.57 -3.15 -6.07
N MET A 111 -20.44 -4.22 -6.85
CA MET A 111 -20.97 -5.50 -6.36
C MET A 111 -19.81 -6.28 -5.74
N GLY A 112 -19.86 -6.43 -4.42
CA GLY A 112 -18.78 -7.05 -3.65
C GLY A 112 -18.96 -8.53 -3.38
N ARG A 113 -20.11 -9.11 -3.72
CA ARG A 113 -20.35 -10.52 -3.45
C ARG A 113 -20.78 -11.25 -4.69
N THR A 114 -20.06 -11.01 -5.79
CA THR A 114 -20.35 -11.68 -7.07
C THR A 114 -19.87 -13.15 -7.01
N PRO A 115 -20.22 -14.03 -8.00
CA PRO A 115 -19.88 -15.48 -7.87
C PRO A 115 -18.40 -15.82 -7.68
N ASP A 116 -17.50 -14.97 -8.17
CA ASP A 116 -16.05 -15.17 -8.04
C ASP A 116 -15.57 -15.05 -6.59
N TYR A 117 -16.29 -14.32 -5.70
CA TYR A 117 -15.88 -14.22 -4.29
C TYR A 117 -15.82 -15.62 -3.64
N LYS A 118 -16.92 -16.40 -3.69
CA LYS A 118 -16.93 -17.75 -3.13
C LYS A 118 -16.33 -18.81 -4.05
N ALA A 119 -15.94 -18.45 -5.28
CA ALA A 119 -15.22 -19.41 -6.14
C ALA A 119 -13.90 -19.78 -5.43
N ALA A 120 -13.35 -18.88 -4.56
CA ALA A 120 -12.12 -19.12 -3.77
C ALA A 120 -12.36 -20.28 -2.79
N PHE A 121 -13.60 -20.44 -2.28
CA PHE A 121 -14.00 -21.55 -1.42
C PHE A 121 -13.99 -22.86 -2.21
N GLY A 122 -14.57 -22.84 -3.43
CA GLY A 122 -14.56 -24.01 -4.31
C GLY A 122 -13.13 -24.45 -4.55
N CYS A 123 -12.24 -23.48 -4.85
CA CYS A 123 -10.81 -23.76 -5.06
C CYS A 123 -10.11 -24.29 -3.82
N ALA A 124 -10.44 -23.77 -2.62
CA ALA A 124 -9.88 -24.25 -1.35
C ALA A 124 -10.22 -25.73 -1.16
N LEU A 125 -11.46 -26.15 -1.50
CA LEU A 125 -11.90 -27.55 -1.43
C LEU A 125 -11.11 -28.41 -2.41
N GLY A 126 -10.88 -27.91 -3.61
CA GLY A 126 -10.17 -28.64 -4.66
C GLY A 126 -8.68 -28.77 -4.46
N ALA A 127 -8.08 -27.75 -3.83
CA ALA A 127 -6.64 -27.72 -3.59
C ALA A 127 -6.20 -28.64 -2.46
N ASN A 128 -7.00 -28.69 -1.36
CA ASN A 128 -6.67 -29.47 -0.17
C ASN A 128 -7.87 -30.35 0.28
N PRO A 129 -8.37 -31.29 -0.55
CA PRO A 129 -9.53 -32.09 -0.12
C PRO A 129 -9.24 -33.07 1.02
N GLY A 130 -7.97 -33.49 1.15
CA GLY A 130 -7.49 -34.39 2.19
C GLY A 130 -7.70 -33.87 3.59
N PHE A 131 -7.75 -32.54 3.76
CA PHE A 131 -7.98 -31.86 5.05
C PHE A 131 -9.28 -32.32 5.71
N TYR A 132 -10.32 -32.63 4.90
CA TYR A 132 -11.68 -32.95 5.35
C TYR A 132 -11.89 -34.41 5.81
N GLY A 133 -10.84 -35.22 5.80
CA GLY A 133 -10.90 -36.61 6.26
C GLY A 133 -11.91 -37.44 5.53
N GLN A 134 -12.91 -37.99 6.27
CA GLN A 134 -13.98 -38.80 5.69
C GLN A 134 -14.87 -38.03 4.68
N PHE A 135 -14.82 -36.68 4.72
CA PHE A 135 -15.58 -35.82 3.81
C PHE A 135 -14.76 -35.34 2.61
N GLU A 136 -13.58 -35.96 2.38
CA GLU A 136 -12.67 -35.62 1.28
C GLU A 136 -13.37 -35.68 -0.09
N GLN A 137 -14.15 -36.75 -0.35
CA GLN A 137 -14.86 -36.89 -1.62
C GLN A 137 -15.87 -35.77 -1.86
N ASN A 138 -16.52 -35.27 -0.78
CA ASN A 138 -17.46 -34.14 -0.86
C ASN A 138 -16.72 -32.88 -1.32
N ALA A 139 -15.51 -32.65 -0.76
CA ALA A 139 -14.67 -31.50 -1.12
C ALA A 139 -14.30 -31.59 -2.61
N ARG A 140 -13.90 -32.79 -3.10
CA ARG A 140 -13.53 -33.00 -4.49
C ARG A 140 -14.72 -32.77 -5.41
N ASN A 141 -15.90 -33.34 -5.07
CA ASN A 141 -17.12 -33.22 -5.86
C ASN A 141 -17.62 -31.80 -5.91
N TRP A 142 -17.57 -31.08 -4.78
CA TRP A 142 -18.01 -29.70 -4.73
C TRP A 142 -17.10 -28.80 -5.55
N TYR A 143 -15.79 -29.06 -5.54
CA TYR A 143 -14.85 -28.30 -6.37
C TYR A 143 -15.23 -28.45 -7.87
N THR A 144 -15.39 -29.70 -8.33
CA THR A 144 -15.72 -30.04 -9.72
C THR A 144 -17.01 -29.35 -10.12
N ARG A 145 -18.05 -29.49 -9.26
CA ARG A 145 -19.36 -28.91 -9.49
C ARG A 145 -19.29 -27.40 -9.61
N ILE A 146 -18.66 -26.70 -8.65
CA ILE A 146 -18.57 -25.24 -8.70
C ILE A 146 -17.79 -24.77 -9.94
N GLN A 147 -16.65 -25.40 -10.19
CA GLN A 147 -15.78 -25.05 -11.32
C GLN A 147 -16.50 -25.18 -12.66
N GLU A 148 -17.11 -26.32 -12.94
CA GLU A 148 -17.74 -26.53 -14.25
C GLU A 148 -18.96 -25.68 -14.52
N THR A 149 -19.77 -25.42 -13.49
CA THR A 149 -21.07 -24.77 -13.62
C THR A 149 -21.04 -23.27 -13.40
N GLY A 150 -20.09 -22.80 -12.61
CA GLY A 150 -20.06 -21.41 -12.20
C GLY A 150 -21.14 -21.17 -11.15
N LEU A 151 -21.51 -22.21 -10.36
CA LEU A 151 -22.52 -22.10 -9.29
C LEU A 151 -22.19 -20.90 -8.39
N TYR A 152 -23.23 -20.17 -8.04
CA TYR A 152 -23.13 -18.97 -7.25
C TYR A 152 -23.33 -19.29 -5.77
N PHE A 153 -22.23 -19.23 -5.02
CA PHE A 153 -22.25 -19.42 -3.57
C PHE A 153 -22.09 -18.06 -2.88
N ASN A 154 -22.61 -17.97 -1.66
CA ASN A 154 -22.28 -16.92 -0.72
C ASN A 154 -21.97 -17.69 0.58
N HIS A 155 -21.57 -16.98 1.62
CA HIS A 155 -21.37 -17.64 2.91
C HIS A 155 -22.02 -16.85 4.01
N ALA A 156 -22.46 -17.57 5.01
CA ALA A 156 -23.09 -17.01 6.20
C ALA A 156 -22.25 -17.60 7.33
N ILE A 157 -21.28 -16.80 7.80
CA ILE A 157 -20.31 -17.25 8.80
C ILE A 157 -20.43 -16.50 10.13
N VAL A 158 -20.63 -15.19 10.07
CA VAL A 158 -20.69 -14.35 11.27
C VAL A 158 -22.01 -14.59 12.02
N ASN A 159 -21.90 -14.80 13.33
CA ASN A 159 -23.06 -15.07 14.15
C ASN A 159 -23.85 -13.78 14.33
N PRO A 160 -25.15 -13.88 14.59
CA PRO A 160 -25.93 -12.64 14.77
C PRO A 160 -25.34 -11.76 15.88
N PRO A 161 -25.34 -10.42 15.74
CA PRO A 161 -24.79 -9.55 16.81
C PRO A 161 -25.74 -9.49 18.02
N ILE A 162 -25.77 -10.59 18.78
CA ILE A 162 -26.58 -10.80 19.97
C ILE A 162 -25.69 -11.48 21.00
N ASP A 163 -25.67 -10.95 22.24
CA ASP A 163 -24.90 -11.53 23.36
C ASP A 163 -23.43 -11.80 22.98
N ARG A 164 -22.75 -10.79 22.37
CA ARG A 164 -21.34 -10.88 21.98
C ARG A 164 -20.41 -11.08 23.17
N HIS A 165 -20.85 -10.68 24.35
CA HIS A 165 -20.16 -10.82 25.63
C HIS A 165 -20.10 -12.30 26.12
N LEU A 166 -20.74 -13.23 25.37
CA LEU A 166 -20.82 -14.66 25.70
C LEU A 166 -20.19 -15.57 24.62
N PRO A 167 -19.68 -16.78 24.96
CA PRO A 167 -19.14 -17.66 23.89
C PRO A 167 -20.25 -18.33 23.05
N THR A 168 -19.87 -18.92 21.89
CA THR A 168 -20.71 -19.63 20.91
C THR A 168 -21.19 -21.01 21.47
N ASP A 169 -21.58 -21.01 22.75
CA ASP A 169 -22.09 -22.18 23.47
C ASP A 169 -23.15 -21.72 24.47
N LYS A 170 -23.12 -20.42 24.84
CA LYS A 170 -24.04 -19.79 25.80
C LYS A 170 -25.15 -18.95 25.15
N VAL A 171 -25.29 -19.05 23.81
CA VAL A 171 -26.34 -18.36 23.04
C VAL A 171 -26.88 -19.40 22.00
N LYS A 172 -27.26 -20.58 22.55
CA LYS A 172 -27.79 -21.75 21.86
C LYS A 172 -29.17 -21.51 21.23
N ASP A 173 -29.94 -20.54 21.76
CA ASP A 173 -31.26 -20.18 21.23
C ASP A 173 -31.14 -19.39 19.90
N VAL A 174 -29.90 -19.03 19.47
CA VAL A 174 -29.72 -18.22 18.26
C VAL A 174 -28.76 -18.84 17.23
N TYR A 175 -27.55 -19.20 17.66
CA TYR A 175 -26.47 -19.64 16.76
C TYR A 175 -26.72 -21.04 16.13
N ILE A 176 -26.19 -21.27 14.90
CA ILE A 176 -26.29 -22.53 14.13
C ILE A 176 -25.72 -23.71 14.96
N LYS A 177 -26.50 -24.79 15.05
CA LYS A 177 -26.12 -25.99 15.81
C LYS A 177 -26.73 -27.25 15.22
N LEU A 178 -26.08 -28.39 15.46
CA LEU A 178 -26.56 -29.70 15.06
C LEU A 178 -27.68 -30.09 16.03
N GLU A 179 -28.78 -30.60 15.49
CA GLU A 179 -29.89 -30.99 16.35
C GLU A 179 -30.21 -32.44 16.27
N LYS A 180 -29.87 -33.08 15.15
CA LYS A 180 -30.11 -34.50 14.94
C LYS A 180 -29.22 -35.06 13.85
N GLU A 181 -28.65 -36.25 14.12
CA GLU A 181 -27.83 -37.02 13.19
C GLU A 181 -28.71 -38.15 12.70
N THR A 182 -28.89 -38.25 11.38
CA THR A 182 -29.74 -39.29 10.77
C THR A 182 -28.99 -39.98 9.63
N ASP A 183 -29.57 -41.04 9.03
CA ASP A 183 -28.97 -41.77 7.92
C ASP A 183 -28.86 -40.92 6.66
N ALA A 184 -29.87 -40.09 6.38
CA ALA A 184 -29.94 -39.24 5.18
C ALA A 184 -29.08 -37.99 5.30
N GLY A 185 -28.77 -37.58 6.53
CA GLY A 185 -27.94 -36.41 6.79
C GLY A 185 -28.15 -35.80 8.17
N ILE A 186 -27.84 -34.53 8.29
CA ILE A 186 -27.93 -33.84 9.58
C ILE A 186 -29.03 -32.76 9.60
N ILE A 187 -29.69 -32.61 10.75
CA ILE A 187 -30.72 -31.58 10.96
C ILE A 187 -30.05 -30.45 11.71
N VAL A 188 -30.13 -29.23 11.14
CA VAL A 188 -29.53 -28.02 11.72
C VAL A 188 -30.56 -26.92 11.85
N SER A 189 -30.38 -26.06 12.87
CA SER A 189 -31.22 -24.89 13.10
C SER A 189 -30.35 -23.77 13.64
N GLY A 190 -30.78 -22.54 13.42
CA GLY A 190 -30.12 -21.34 13.91
C GLY A 190 -30.14 -20.26 12.85
N ALA A 191 -29.42 -19.16 13.13
CA ALA A 191 -29.35 -18.04 12.21
C ALA A 191 -27.92 -17.55 12.09
N LYS A 192 -27.64 -16.89 10.97
CA LYS A 192 -26.36 -16.23 10.73
C LYS A 192 -26.65 -14.77 10.47
N VAL A 193 -25.64 -13.89 10.61
CA VAL A 193 -25.78 -12.45 10.36
C VAL A 193 -26.03 -12.31 8.84
N VAL A 194 -26.23 -11.10 8.35
CA VAL A 194 -26.55 -10.80 6.96
C VAL A 194 -25.71 -11.61 5.95
N ALA A 195 -26.41 -12.22 5.01
CA ALA A 195 -25.82 -13.03 3.95
C ALA A 195 -26.00 -12.18 2.70
N THR A 196 -24.96 -11.37 2.39
CA THR A 196 -24.99 -10.40 1.29
C THR A 196 -25.29 -11.02 -0.07
N ASN A 197 -26.38 -10.53 -0.71
CA ASN A 197 -26.85 -11.01 -2.03
C ASN A 197 -27.30 -12.48 -2.05
N SER A 198 -27.48 -13.13 -0.88
CA SER A 198 -27.92 -14.54 -0.85
C SER A 198 -29.25 -14.81 -1.55
N ALA A 199 -30.12 -13.78 -1.71
CA ALA A 199 -31.41 -13.96 -2.43
C ALA A 199 -31.18 -14.36 -3.91
N LEU A 200 -30.00 -14.06 -4.44
CA LEU A 200 -29.64 -14.31 -5.84
C LEU A 200 -28.63 -15.45 -6.00
N THR A 201 -28.40 -16.22 -4.93
CA THR A 201 -27.41 -17.31 -4.99
C THR A 201 -28.05 -18.70 -5.12
N HIS A 202 -27.23 -19.68 -5.48
CA HIS A 202 -27.67 -21.06 -5.60
C HIS A 202 -27.51 -21.79 -4.27
N TYR A 203 -26.36 -21.60 -3.61
CA TYR A 203 -26.04 -22.26 -2.35
C TYR A 203 -25.37 -21.32 -1.38
N ASN A 204 -25.41 -21.64 -0.10
CA ASN A 204 -24.64 -20.91 0.88
C ASN A 204 -23.78 -21.89 1.67
N MET A 205 -22.54 -21.53 1.93
CA MET A 205 -21.67 -22.30 2.79
C MET A 205 -21.96 -21.76 4.20
N ILE A 206 -22.25 -22.64 5.14
CA ILE A 206 -22.51 -22.24 6.52
C ILE A 206 -21.32 -22.71 7.36
N GLY A 207 -20.67 -21.76 8.02
CA GLY A 207 -19.51 -22.08 8.85
C GLY A 207 -19.49 -21.34 10.17
N PHE A 208 -18.71 -21.91 11.12
CA PHE A 208 -18.45 -21.43 12.49
C PHE A 208 -17.94 -19.99 12.47
N ALA A 211 -20.17 -14.90 17.95
CA ALA A 211 -19.51 -14.36 19.13
C ALA A 211 -18.15 -15.06 19.36
N GLN A 212 -17.21 -14.85 18.41
CA GLN A 212 -15.83 -15.35 18.26
C GLN A 212 -15.51 -16.69 18.99
N VAL A 213 -15.32 -16.67 20.34
CA VAL A 213 -14.97 -17.86 21.14
C VAL A 213 -16.06 -18.92 21.02
N MET A 214 -15.68 -20.10 20.50
CA MET A 214 -16.59 -21.20 20.21
C MET A 214 -17.20 -21.88 21.44
N GLY A 215 -16.38 -22.21 22.42
CA GLY A 215 -16.86 -22.91 23.62
C GLY A 215 -16.40 -24.35 23.70
N GLU A 216 -17.23 -25.22 24.31
CA GLU A 216 -16.87 -26.63 24.52
C GLU A 216 -17.88 -27.66 23.96
N ASN A 217 -19.02 -27.21 23.39
CA ASN A 217 -20.04 -28.09 22.81
C ASN A 217 -19.73 -28.38 21.31
N PRO A 218 -19.39 -29.64 20.92
CA PRO A 218 -19.06 -29.90 19.50
C PRO A 218 -20.21 -29.81 18.50
N ASP A 219 -21.46 -29.66 18.98
CA ASP A 219 -22.64 -29.51 18.11
C ASP A 219 -22.64 -28.20 17.31
N PHE A 220 -21.80 -27.24 17.72
CA PHE A 220 -21.59 -25.94 17.07
C PHE A 220 -20.40 -25.98 16.09
N ALA A 221 -19.54 -27.03 16.17
CA ALA A 221 -18.34 -27.17 15.34
C ALA A 221 -18.70 -27.82 13.99
N LEU A 222 -19.33 -27.03 13.08
CA LEU A 222 -19.83 -27.51 11.79
C LEU A 222 -19.46 -26.62 10.63
N MET A 223 -19.32 -27.24 9.45
CA MET A 223 -19.16 -26.56 8.17
C MET A 223 -19.87 -27.42 7.14
N PHE A 224 -20.79 -26.81 6.40
CA PHE A 224 -21.61 -27.54 5.42
C PHE A 224 -22.17 -26.57 4.37
N VAL A 225 -22.77 -27.14 3.32
N VAL A 225 -22.77 -27.13 3.32
CA VAL A 225 -23.37 -26.43 2.19
CA VAL A 225 -23.40 -26.30 2.28
C VAL A 225 -24.90 -26.59 2.23
C VAL A 225 -24.90 -26.56 2.24
N ALA A 226 -25.67 -25.52 1.94
CA ALA A 226 -27.12 -25.64 1.87
C ALA A 226 -27.66 -24.99 0.62
N PRO A 227 -28.54 -25.69 -0.14
CA PRO A 227 -29.17 -25.03 -1.29
C PRO A 227 -30.10 -23.94 -0.80
N MET A 228 -30.32 -22.95 -1.65
CA MET A 228 -31.25 -21.85 -1.31
C MET A 228 -32.72 -22.30 -1.35
N ASP A 229 -33.02 -23.47 -1.93
CA ASP A 229 -34.42 -23.90 -1.98
C ASP A 229 -34.73 -25.09 -1.06
N ALA A 230 -33.89 -25.35 -0.06
CA ALA A 230 -34.15 -26.44 0.89
C ALA A 230 -35.18 -25.96 1.92
N ASP A 231 -36.09 -26.85 2.31
CA ASP A 231 -37.13 -26.56 3.32
C ASP A 231 -36.48 -26.09 4.61
N GLY A 232 -36.95 -24.97 5.12
CA GLY A 232 -36.39 -24.42 6.34
C GLY A 232 -35.34 -23.35 6.14
N VAL A 233 -34.74 -23.28 4.93
CA VAL A 233 -33.78 -22.23 4.61
C VAL A 233 -34.61 -21.02 4.21
N LYS A 234 -34.40 -19.87 4.87
CA LYS A 234 -35.16 -18.68 4.50
C LYS A 234 -34.40 -17.39 4.75
N LEU A 235 -34.73 -16.35 3.96
CA LEU A 235 -34.10 -15.04 4.13
C LEU A 235 -35.11 -13.98 4.51
N ILE A 236 -34.71 -13.12 5.47
CA ILE A 236 -35.50 -11.97 5.89
C ILE A 236 -34.64 -10.79 5.40
N SER A 237 -35.13 -10.11 4.37
CA SER A 237 -34.35 -9.06 3.71
C SER A 237 -34.33 -7.76 4.48
N ARG A 238 -33.28 -6.95 4.24
CA ARG A 238 -33.22 -5.59 4.80
C ARG A 238 -33.95 -4.69 3.77
N ALA A 239 -34.04 -3.37 4.05
CA ALA A 239 -34.67 -2.42 3.13
C ALA A 239 -33.99 -2.50 1.76
N SER A 240 -34.78 -2.36 0.69
CA SER A 240 -34.22 -2.47 -0.65
C SER A 240 -33.95 -1.10 -1.24
N TYR A 241 -32.67 -0.78 -1.43
CA TYR A 241 -32.29 0.50 -2.05
C TYR A 241 -32.69 0.46 -3.52
N GLU A 242 -32.65 -0.73 -4.14
CA GLU A 242 -33.12 -0.88 -5.51
C GLU A 242 -34.63 -0.50 -5.62
N MET A 243 -35.49 -1.09 -4.76
N MET A 243 -35.48 -1.09 -4.76
CA MET A 243 -36.92 -0.80 -4.82
CA MET A 243 -36.92 -0.83 -4.81
C MET A 243 -37.24 0.65 -4.52
C MET A 243 -37.29 0.61 -4.48
N VAL A 244 -36.60 1.21 -3.49
CA VAL A 244 -36.83 2.61 -3.10
C VAL A 244 -36.44 3.54 -4.25
N ALA A 245 -35.25 3.32 -4.87
CA ALA A 245 -34.79 4.11 -6.02
C ALA A 245 -35.76 3.96 -7.20
N GLY A 246 -36.34 2.77 -7.40
CA GLY A 246 -37.34 2.58 -8.45
C GLY A 246 -38.67 3.26 -8.15
N ALA A 247 -39.15 3.14 -6.89
CA ALA A 247 -40.45 3.69 -6.50
C ALA A 247 -40.48 5.21 -6.36
N THR A 248 -39.38 5.82 -5.92
CA THR A 248 -39.31 7.25 -5.60
C THR A 248 -38.14 8.00 -6.29
N GLY A 249 -37.37 7.32 -7.13
CA GLY A 249 -36.25 7.93 -7.83
C GLY A 249 -36.26 7.52 -9.29
N SER A 250 -35.08 7.44 -9.89
CA SER A 250 -34.91 7.01 -11.28
C SER A 250 -33.44 6.58 -11.42
N PRO A 251 -33.08 5.88 -12.53
CA PRO A 251 -31.66 5.56 -12.78
C PRO A 251 -30.82 6.84 -12.80
N TYR A 252 -31.32 7.96 -13.37
CA TYR A 252 -30.58 9.23 -13.40
C TYR A 252 -30.27 9.75 -11.96
N ASP A 253 -31.27 9.62 -11.08
CA ASP A 253 -31.13 10.12 -9.71
C ASP A 253 -30.32 9.20 -8.79
N TYR A 254 -30.47 7.87 -8.94
CA TYR A 254 -29.81 6.88 -8.09
C TYR A 254 -29.23 5.78 -9.02
N PRO A 255 -28.17 6.13 -9.79
CA PRO A 255 -27.66 5.19 -10.81
C PRO A 255 -27.01 3.90 -10.31
N LEU A 256 -26.57 3.88 -9.05
CA LEU A 256 -25.90 2.69 -8.51
C LEU A 256 -26.93 1.88 -7.71
N SER A 257 -27.74 2.56 -6.87
CA SER A 257 -28.81 1.95 -6.05
C SER A 257 -29.75 1.16 -6.94
N SER A 258 -30.04 1.71 -8.14
CA SER A 258 -31.00 1.11 -9.07
C SER A 258 -30.55 -0.20 -9.75
N ARG A 259 -29.26 -0.57 -9.68
N ARG A 259 -29.24 -0.56 -9.69
CA ARG A 259 -28.81 -1.79 -10.37
CA ARG A 259 -28.78 -1.74 -10.40
C ARG A 259 -27.78 -2.66 -9.60
C ARG A 259 -27.76 -2.63 -9.63
N PHE A 260 -27.11 -2.11 -8.58
CA PHE A 260 -26.08 -2.89 -7.87
C PHE A 260 -26.34 -3.17 -6.41
N ASP A 261 -27.60 -3.06 -5.97
CA ASP A 261 -27.91 -3.30 -4.55
C ASP A 261 -27.84 -4.79 -4.20
N GLU A 262 -26.95 -5.17 -3.26
CA GLU A 262 -26.78 -6.56 -2.82
C GLU A 262 -27.43 -6.67 -1.45
N ASN A 263 -28.68 -7.14 -1.42
CA ASN A 263 -29.46 -7.15 -0.17
C ASN A 263 -28.79 -7.96 0.94
N ASP A 264 -28.51 -7.30 2.07
CA ASP A 264 -27.87 -7.93 3.24
C ASP A 264 -29.00 -8.60 4.06
N ALA A 265 -29.25 -9.88 3.77
CA ALA A 265 -30.39 -10.58 4.39
C ALA A 265 -30.03 -11.39 5.61
N ILE A 266 -30.94 -11.46 6.58
CA ILE A 266 -30.79 -12.35 7.74
C ILE A 266 -31.02 -13.77 7.19
N LEU A 267 -30.11 -14.70 7.50
CA LEU A 267 -30.25 -16.07 7.03
C LEU A 267 -30.72 -16.94 8.20
N VAL A 268 -31.85 -17.62 7.99
CA VAL A 268 -32.47 -18.49 8.99
C VAL A 268 -32.48 -19.92 8.48
N MET A 269 -32.16 -20.85 9.38
N MET A 269 -32.15 -20.85 9.38
CA MET A 269 -32.23 -22.29 9.10
CA MET A 269 -32.19 -22.29 9.12
C MET A 269 -33.12 -22.90 10.14
C MET A 269 -33.12 -22.89 10.16
N ASP A 270 -34.28 -23.39 9.71
CA ASP A 270 -35.27 -23.97 10.59
C ASP A 270 -35.39 -25.45 10.28
N ASN A 271 -34.77 -26.29 11.13
CA ASN A 271 -34.77 -27.75 11.04
C ASN A 271 -34.50 -28.20 9.61
N VAL A 272 -33.38 -27.72 9.07
CA VAL A 272 -33.00 -28.04 7.70
C VAL A 272 -32.25 -29.37 7.66
N LEU A 273 -32.63 -30.25 6.72
CA LEU A 273 -31.91 -31.49 6.49
C LEU A 273 -30.77 -31.22 5.48
N ILE A 274 -29.54 -31.40 5.94
CA ILE A 274 -28.33 -31.25 5.14
C ILE A 274 -27.88 -32.68 4.80
N PRO A 275 -27.96 -33.11 3.53
CA PRO A 275 -27.48 -34.47 3.18
C PRO A 275 -25.98 -34.62 3.49
N TRP A 276 -25.54 -35.85 3.80
CA TRP A 276 -24.13 -36.13 4.10
C TRP A 276 -23.15 -35.68 3.03
N GLU A 277 -23.60 -35.66 1.74
CA GLU A 277 -22.82 -35.20 0.58
C GLU A 277 -22.51 -33.70 0.68
N ASN A 278 -23.25 -32.97 1.52
CA ASN A 278 -23.07 -31.52 1.70
C ASN A 278 -22.33 -31.13 2.99
N VAL A 279 -21.90 -32.15 3.77
CA VAL A 279 -21.19 -31.94 5.04
C VAL A 279 -19.68 -31.92 4.77
N LEU A 280 -18.97 -30.96 5.37
CA LEU A 280 -17.53 -30.83 5.18
C LEU A 280 -16.72 -30.99 6.46
N ILE A 281 -17.19 -30.41 7.58
CA ILE A 281 -16.58 -30.50 8.91
C ILE A 281 -17.72 -30.86 9.86
N TYR A 282 -17.57 -31.96 10.62
CA TYR A 282 -18.65 -32.45 11.46
C TYR A 282 -18.24 -32.73 12.92
N ARG A 283 -18.80 -31.92 13.88
CA ARG A 283 -18.59 -32.03 15.34
C ARG A 283 -17.10 -32.17 15.65
N ASP A 284 -16.32 -31.34 14.99
CA ASP A 284 -14.87 -31.40 14.96
C ASP A 284 -14.24 -30.06 15.30
N PHE A 285 -13.96 -29.84 16.60
CA PHE A 285 -13.31 -28.61 17.08
C PHE A 285 -11.91 -28.45 16.51
N ASP A 286 -11.19 -29.58 16.36
CA ASP A 286 -9.83 -29.61 15.82
C ASP A 286 -9.79 -29.07 14.39
N ARG A 287 -10.65 -29.58 13.48
CA ARG A 287 -10.70 -29.11 12.10
C ARG A 287 -11.22 -27.69 11.97
N CYS A 288 -12.19 -27.28 12.83
CA CYS A 288 -12.73 -25.91 12.85
C CYS A 288 -11.63 -24.93 13.24
N ARG A 289 -10.83 -25.24 14.27
CA ARG A 289 -9.73 -24.36 14.69
C ARG A 289 -8.60 -24.32 13.67
N ARG A 290 -8.35 -25.44 12.95
CA ARG A 290 -7.28 -25.51 11.94
C ARG A 290 -7.68 -24.96 10.57
N TRP A 291 -9.00 -24.85 10.26
CA TRP A 291 -9.49 -24.43 8.94
C TRP A 291 -9.06 -23.03 8.51
N THR A 292 -8.96 -22.06 9.43
CA THR A 292 -8.56 -20.70 9.03
C THR A 292 -7.12 -20.71 8.48
N MET A 293 -6.21 -21.49 9.08
CA MET A 293 -4.82 -21.58 8.64
C MET A 293 -4.57 -22.67 7.57
N GLU A 294 -5.30 -23.80 7.59
CA GLU A 294 -5.10 -24.92 6.66
C GLU A 294 -6.11 -25.08 5.52
N GLY A 295 -7.29 -24.50 5.67
CA GLY A 295 -8.37 -24.59 4.68
C GLY A 295 -8.10 -23.92 3.36
N GLY A 296 -7.36 -22.82 3.38
CA GLY A 296 -7.03 -22.11 2.16
C GLY A 296 -7.91 -20.91 1.85
N PHE A 297 -9.25 -21.00 2.09
CA PHE A 297 -10.17 -19.92 1.78
C PHE A 297 -9.76 -18.56 2.36
N ALA A 298 -9.44 -18.51 3.68
CA ALA A 298 -9.04 -17.27 4.38
C ALA A 298 -7.77 -16.69 3.73
N ARG A 299 -6.99 -17.55 3.07
CA ARG A 299 -5.76 -17.23 2.40
C ARG A 299 -5.94 -17.03 0.89
N MET A 300 -7.21 -16.88 0.42
CA MET A 300 -7.51 -16.71 -1.01
C MET A 300 -8.48 -15.57 -1.35
N TYR A 301 -9.65 -15.51 -0.66
CA TYR A 301 -10.68 -14.52 -0.94
C TYR A 301 -10.19 -13.02 -0.90
N PRO A 302 -9.23 -12.57 -0.02
CA PRO A 302 -8.85 -11.14 -0.05
C PRO A 302 -8.20 -10.71 -1.36
N LEU A 303 -7.77 -11.68 -2.20
CA LEU A 303 -7.26 -11.35 -3.53
C LEU A 303 -8.45 -10.80 -4.35
N GLN A 304 -9.59 -11.50 -4.30
CA GLN A 304 -10.79 -11.03 -5.00
C GLN A 304 -11.23 -9.67 -4.44
N ALA A 305 -11.33 -9.55 -3.12
CA ALA A 305 -11.84 -8.33 -2.45
C ALA A 305 -10.94 -7.10 -2.67
N CYS A 306 -9.61 -7.31 -2.65
CA CYS A 306 -8.66 -6.22 -2.89
C CYS A 306 -8.80 -5.69 -4.33
N VAL A 307 -8.93 -6.58 -5.31
CA VAL A 307 -9.11 -6.19 -6.73
C VAL A 307 -10.45 -5.45 -6.91
N ARG A 308 -11.53 -6.02 -6.35
CA ARG A 308 -12.87 -5.45 -6.43
C ARG A 308 -12.84 -4.00 -5.84
N LEU A 309 -12.21 -3.81 -4.66
CA LEU A 309 -12.07 -2.46 -4.09
C LEU A 309 -11.23 -1.55 -5.02
N ALA A 310 -10.11 -2.08 -5.58
CA ALA A 310 -9.23 -1.28 -6.45
C ALA A 310 -10.01 -0.78 -7.69
N VAL A 311 -10.90 -1.62 -8.22
CA VAL A 311 -11.78 -1.25 -9.34
C VAL A 311 -12.74 -0.14 -8.87
N LYS A 312 -13.35 -0.29 -7.68
CA LYS A 312 -14.23 0.76 -7.14
C LYS A 312 -13.43 2.07 -6.96
N LEU A 313 -12.15 1.99 -6.56
CA LEU A 313 -11.31 3.18 -6.38
C LEU A 313 -10.90 3.81 -7.71
N ASP A 314 -10.75 3.01 -8.79
CA ASP A 314 -10.54 3.56 -10.15
C ASP A 314 -11.76 4.48 -10.46
N PHE A 315 -12.97 3.97 -10.19
CA PHE A 315 -14.24 4.67 -10.42
C PHE A 315 -14.33 5.93 -9.53
N ILE A 316 -14.16 5.78 -8.22
CA ILE A 316 -14.27 6.92 -7.30
C ILE A 316 -13.24 8.02 -7.61
N THR A 317 -12.00 7.65 -7.94
CA THR A 317 -10.93 8.62 -8.23
C THR A 317 -11.31 9.52 -9.41
N ALA A 318 -11.65 8.90 -10.56
CA ALA A 318 -12.02 9.67 -11.75
C ALA A 318 -13.36 10.42 -11.53
N LEU A 319 -14.28 9.84 -10.75
CA LEU A 319 -15.57 10.49 -10.46
C LEU A 319 -15.34 11.73 -9.58
N LEU A 320 -14.36 11.66 -8.67
CA LEU A 320 -14.03 12.83 -7.85
C LEU A 320 -13.43 13.92 -8.75
N LYS A 321 -12.53 13.55 -9.67
CA LYS A 321 -11.99 14.54 -10.62
C LYS A 321 -13.14 15.19 -11.40
N LYS A 322 -14.07 14.36 -11.95
CA LYS A 322 -15.21 14.86 -12.72
C LYS A 322 -16.07 15.82 -11.90
N SER A 323 -16.33 15.45 -10.62
CA SER A 323 -17.15 16.25 -9.70
C SER A 323 -16.49 17.62 -9.47
N LEU A 324 -15.16 17.64 -9.30
CA LEU A 324 -14.40 18.90 -9.07
C LEU A 324 -14.31 19.77 -10.32
N GLU A 325 -14.38 19.14 -11.52
CA GLU A 325 -14.47 19.86 -12.79
C GLU A 325 -15.83 20.57 -12.85
N CYS A 326 -16.91 19.95 -12.29
CA CYS A 326 -18.27 20.53 -12.23
C CYS A 326 -18.28 21.87 -11.50
N THR A 327 -17.67 21.87 -10.30
CA THR A 327 -17.65 23.03 -9.38
C THR A 327 -16.57 24.05 -9.75
N GLY A 328 -15.55 23.62 -10.50
CA GLY A 328 -14.44 24.48 -10.90
C GLY A 328 -13.34 24.59 -9.86
N THR A 329 -13.44 23.88 -8.72
CA THR A 329 -12.42 23.98 -7.66
C THR A 329 -11.15 23.16 -7.93
N LEU A 330 -11.14 22.32 -8.98
CA LEU A 330 -9.97 21.52 -9.37
C LEU A 330 -8.76 22.43 -9.71
N GLU A 331 -8.99 23.71 -9.94
CA GLU A 331 -7.91 24.66 -10.24
C GLU A 331 -7.05 24.99 -8.99
N PHE A 332 -7.56 24.70 -7.77
CA PHE A 332 -6.85 25.06 -6.53
C PHE A 332 -5.91 23.98 -6.02
N ARG A 333 -4.74 24.44 -5.52
CA ARG A 333 -3.68 23.57 -4.96
C ARG A 333 -4.21 22.56 -3.91
N GLY A 334 -4.94 23.06 -2.89
CA GLY A 334 -5.45 22.22 -1.81
C GLY A 334 -6.39 21.12 -2.31
N VAL A 335 -7.23 21.46 -3.30
CA VAL A 335 -8.18 20.50 -3.90
C VAL A 335 -7.40 19.43 -4.67
N GLN A 336 -6.44 19.86 -5.51
CA GLN A 336 -5.58 18.94 -6.26
C GLN A 336 -4.80 18.02 -5.32
N ALA A 337 -4.29 18.55 -4.19
CA ALA A 337 -3.56 17.74 -3.21
C ALA A 337 -4.50 16.65 -2.62
N ASP A 338 -5.73 17.04 -2.23
CA ASP A 338 -6.69 16.05 -1.70
C ASP A 338 -7.01 14.97 -2.75
N LEU A 339 -7.23 15.36 -4.01
CA LEU A 339 -7.48 14.38 -5.08
C LEU A 339 -6.25 13.49 -5.28
N GLY A 340 -5.05 14.07 -5.19
CA GLY A 340 -3.80 13.34 -5.29
C GLY A 340 -3.70 12.25 -4.21
N GLU A 341 -4.22 12.53 -2.99
CA GLU A 341 -4.18 11.50 -1.95
C GLU A 341 -5.15 10.34 -2.29
N VAL A 342 -6.33 10.66 -2.84
CA VAL A 342 -7.29 9.62 -3.29
C VAL A 342 -6.59 8.74 -4.35
N VAL A 343 -5.87 9.38 -5.30
CA VAL A 343 -5.08 8.67 -6.31
C VAL A 343 -4.09 7.71 -5.61
N ALA A 344 -3.36 8.20 -4.58
CA ALA A 344 -2.39 7.36 -3.85
C ALA A 344 -3.07 6.12 -3.22
N TRP A 345 -4.24 6.30 -2.59
CA TRP A 345 -4.96 5.15 -2.02
C TRP A 345 -5.41 4.18 -3.11
N ARG A 346 -5.95 4.71 -4.20
CA ARG A 346 -6.34 3.88 -5.35
C ARG A 346 -5.11 3.06 -5.83
N ASN A 347 -3.92 3.73 -6.01
CA ASN A 347 -2.70 3.04 -6.47
C ASN A 347 -2.30 1.92 -5.51
N THR A 348 -2.47 2.16 -4.20
CA THR A 348 -2.07 1.22 -3.14
C THR A 348 -2.72 -0.15 -3.30
N PHE A 349 -4.06 -0.19 -3.50
CA PHE A 349 -4.77 -1.48 -3.57
C PHE A 349 -4.39 -2.25 -4.83
N TRP A 350 -4.11 -1.57 -5.95
CA TRP A 350 -3.60 -2.27 -7.13
C TRP A 350 -2.19 -2.85 -6.87
N ALA A 351 -1.31 -2.07 -6.20
CA ALA A 351 0.07 -2.50 -5.85
C ALA A 351 0.01 -3.71 -4.91
N LEU A 352 -0.91 -3.70 -3.93
CA LEU A 352 -1.10 -4.86 -3.03
C LEU A 352 -1.49 -6.12 -3.85
N SER A 353 -2.43 -5.98 -4.82
CA SER A 353 -2.85 -7.13 -5.65
C SER A 353 -1.67 -7.64 -6.51
N ASP A 354 -0.78 -6.74 -6.96
CA ASP A 354 0.44 -7.12 -7.72
C ASP A 354 1.32 -8.00 -6.86
N SER A 355 1.59 -7.54 -5.62
CA SER A 355 2.44 -8.23 -4.65
C SER A 355 1.83 -9.58 -4.23
N MET A 356 0.50 -9.63 -4.03
CA MET A 356 -0.21 -10.90 -3.73
C MET A 356 0.16 -11.97 -4.75
N CYS A 357 0.25 -11.58 -6.02
CA CYS A 357 0.55 -12.53 -7.09
C CYS A 357 2.03 -12.82 -7.26
N SER A 358 2.89 -11.78 -7.32
CA SER A 358 4.33 -12.00 -7.54
C SER A 358 5.02 -12.73 -6.39
N GLU A 359 4.55 -12.54 -5.15
CA GLU A 359 5.14 -13.20 -3.97
C GLU A 359 4.39 -14.49 -3.58
N ALA A 360 3.55 -15.00 -4.47
CA ALA A 360 2.78 -16.23 -4.23
C ALA A 360 3.70 -17.42 -3.90
N THR A 361 3.22 -18.33 -3.06
CA THR A 361 4.01 -19.48 -2.62
C THR A 361 3.32 -20.82 -2.92
N PRO A 362 4.11 -21.92 -3.12
CA PRO A 362 3.49 -23.24 -3.26
C PRO A 362 2.81 -23.63 -1.95
N TRP A 363 1.71 -24.38 -2.04
CA TRP A 363 0.97 -24.81 -0.89
C TRP A 363 0.97 -26.34 -0.90
N VAL A 364 -0.17 -26.99 -1.14
CA VAL A 364 -0.27 -28.45 -1.19
C VAL A 364 -0.75 -28.87 -2.58
N ASN A 365 -0.41 -30.11 -2.99
CA ASN A 365 -0.86 -30.71 -4.26
C ASN A 365 -0.61 -29.83 -5.52
N GLY A 366 0.45 -29.03 -5.48
CA GLY A 366 0.79 -28.14 -6.59
C GLY A 366 0.09 -26.79 -6.60
N ALA A 367 -0.87 -26.57 -5.67
CA ALA A 367 -1.61 -25.31 -5.59
C ALA A 367 -0.70 -24.19 -5.11
N TYR A 368 -0.96 -22.94 -5.57
CA TYR A 368 -0.27 -21.73 -5.14
C TYR A 368 -1.22 -20.85 -4.36
N LEU A 369 -0.70 -20.15 -3.36
CA LEU A 369 -1.50 -19.21 -2.56
C LEU A 369 -0.94 -17.81 -2.73
N PRO A 370 -1.79 -16.76 -2.81
CA PRO A 370 -1.25 -15.40 -2.87
C PRO A 370 -0.45 -15.03 -1.62
N ASP A 371 0.42 -14.00 -1.70
CA ASP A 371 1.20 -13.54 -0.54
C ASP A 371 0.26 -13.24 0.62
N HIS A 372 0.40 -14.00 1.72
CA HIS A 372 -0.48 -13.87 2.88
C HIS A 372 -0.37 -12.49 3.57
N ALA A 373 0.86 -11.95 3.71
CA ALA A 373 1.05 -10.63 4.32
C ALA A 373 0.26 -9.56 3.55
N ALA A 374 0.29 -9.58 2.18
CA ALA A 374 -0.43 -8.61 1.36
C ALA A 374 -1.95 -8.71 1.56
N LEU A 375 -2.47 -9.95 1.73
CA LEU A 375 -3.92 -10.15 1.99
C LEU A 375 -4.33 -9.47 3.30
N GLN A 376 -3.54 -9.69 4.37
CA GLN A 376 -3.82 -9.12 5.70
CA GLN A 376 -3.81 -9.12 5.70
C GLN A 376 -3.68 -7.58 5.67
N THR A 377 -2.75 -7.08 4.87
CA THR A 377 -2.49 -5.63 4.72
C THR A 377 -3.68 -4.95 4.06
N TYR A 378 -4.20 -5.55 2.97
CA TYR A 378 -5.40 -5.01 2.31
C TYR A 378 -6.53 -4.89 3.37
N ARG A 379 -6.75 -5.95 4.18
CA ARG A 379 -7.84 -5.96 5.17
C ARG A 379 -7.72 -4.85 6.19
N VAL A 380 -6.49 -4.57 6.65
CA VAL A 380 -6.24 -3.50 7.63
C VAL A 380 -6.40 -2.10 6.99
N LEU A 381 -5.79 -1.86 5.82
CA LEU A 381 -5.81 -0.52 5.20
C LEU A 381 -7.16 -0.10 4.64
N ALA A 382 -7.90 -1.04 4.03
CA ALA A 382 -9.15 -0.71 3.31
C ALA A 382 -10.15 0.12 4.15
N PRO A 383 -10.47 -0.23 5.43
CA PRO A 383 -11.43 0.59 6.19
C PRO A 383 -10.95 2.03 6.41
N MET A 384 -9.63 2.19 6.67
CA MET A 384 -9.03 3.51 6.91
C MET A 384 -9.03 4.30 5.60
N ALA A 385 -8.58 3.68 4.49
CA ALA A 385 -8.55 4.35 3.19
C ALA A 385 -9.97 4.78 2.77
N TYR A 386 -10.95 3.87 2.90
CA TYR A 386 -12.31 4.17 2.46
C TYR A 386 -12.94 5.34 3.23
N ALA A 387 -12.84 5.32 4.57
CA ALA A 387 -13.38 6.40 5.43
C ALA A 387 -12.71 7.75 5.08
N LYS A 388 -11.38 7.72 4.87
CA LYS A 388 -10.60 8.93 4.53
C LYS A 388 -11.02 9.47 3.13
N ILE A 389 -11.12 8.59 2.14
CA ILE A 389 -11.56 8.98 0.78
C ILE A 389 -12.95 9.64 0.83
N LYS A 390 -13.89 9.03 1.54
CA LYS A 390 -15.25 9.60 1.63
C LYS A 390 -15.20 10.99 2.27
N ASN A 391 -14.41 11.16 3.34
CA ASN A 391 -14.27 12.47 4.01
C ASN A 391 -13.65 13.50 3.04
N ILE A 392 -12.62 13.08 2.27
CA ILE A 392 -11.99 13.96 1.26
C ILE A 392 -13.06 14.41 0.21
N ILE A 393 -13.89 13.48 -0.26
CA ILE A 393 -14.92 13.84 -1.25
C ILE A 393 -15.86 14.90 -0.63
N GLU A 394 -16.39 14.61 0.56
CA GLU A 394 -17.34 15.53 1.21
C GLU A 394 -16.76 16.91 1.50
N ARG A 395 -15.51 16.97 1.91
CA ARG A 395 -14.88 18.24 2.28
C ARG A 395 -14.39 19.05 1.07
N ASN A 396 -14.38 18.44 -0.13
CA ASN A 396 -13.97 19.14 -1.36
C ASN A 396 -15.10 19.39 -2.32
N VAL A 397 -16.00 18.42 -2.53
CA VAL A 397 -17.15 18.61 -3.45
C VAL A 397 -18.20 19.48 -2.72
N THR A 398 -18.23 19.40 -1.38
CA THR A 398 -19.02 20.22 -0.45
C THR A 398 -20.48 20.40 -0.94
N SER A 399 -20.93 21.67 -1.13
CA SER A 399 -22.31 21.96 -1.54
C SER A 399 -22.70 21.42 -2.92
N GLY A 400 -21.72 21.04 -3.75
CA GLY A 400 -22.02 20.43 -5.07
C GLY A 400 -22.80 19.13 -4.93
N LEU A 401 -22.66 18.44 -3.77
CA LEU A 401 -23.34 17.16 -3.49
C LEU A 401 -24.79 17.32 -3.04
N ILE A 402 -25.21 18.56 -2.74
CA ILE A 402 -26.57 18.83 -2.28
C ILE A 402 -27.32 19.87 -3.15
N TYR A 403 -26.57 20.71 -3.90
CA TYR A 403 -27.13 21.73 -4.79
C TYR A 403 -27.59 21.01 -6.08
N LEU A 404 -28.64 20.18 -5.91
CA LEU A 404 -29.14 19.31 -6.98
C LEU A 404 -30.66 19.23 -6.88
N PRO A 405 -31.35 19.26 -8.02
CA PRO A 405 -32.82 19.17 -7.97
C PRO A 405 -33.18 17.76 -7.51
N SER A 406 -34.39 17.61 -7.01
CA SER A 406 -34.90 16.36 -6.52
C SER A 406 -34.87 15.20 -7.50
N SER A 407 -35.07 15.49 -8.80
CA SER A 407 -35.42 14.42 -9.71
C SER A 407 -35.12 14.69 -11.18
N ALA A 408 -35.05 13.61 -11.99
CA ALA A 408 -35.01 13.73 -13.46
C ALA A 408 -36.35 14.42 -13.92
N ARG A 409 -37.43 14.32 -13.12
N ARG A 409 -37.43 14.33 -13.11
CA ARG A 409 -38.72 14.96 -13.40
CA ARG A 409 -38.72 14.98 -13.40
C ARG A 409 -38.60 16.49 -13.43
C ARG A 409 -38.57 16.50 -13.47
N ASP A 410 -37.62 17.07 -12.69
CA ASP A 410 -37.33 18.52 -12.66
C ASP A 410 -36.74 18.94 -14.01
N LEU A 411 -35.83 18.11 -14.58
N LEU A 411 -35.84 18.11 -14.57
CA LEU A 411 -35.25 18.38 -15.90
CA LEU A 411 -35.22 18.33 -15.87
C LEU A 411 -36.31 18.28 -16.99
C LEU A 411 -36.26 18.22 -16.99
N ASN A 412 -37.28 17.37 -16.80
CA ASN A 412 -38.34 17.12 -17.78
C ASN A 412 -39.52 18.08 -17.66
N ASN A 413 -39.45 19.03 -16.73
CA ASN A 413 -40.45 20.09 -16.59
C ASN A 413 -39.74 21.39 -17.04
N PRO A 414 -40.08 21.95 -18.23
CA PRO A 414 -39.39 23.16 -18.70
C PRO A 414 -39.46 24.36 -17.76
N GLN A 415 -40.54 24.45 -16.98
CA GLN A 415 -40.77 25.51 -16.00
C GLN A 415 -39.63 25.54 -14.96
N ILE A 416 -39.14 24.35 -14.56
CA ILE A 416 -38.02 24.19 -13.60
C ILE A 416 -36.70 24.15 -14.35
N ASP A 417 -36.66 23.38 -15.45
CA ASP A 417 -35.44 23.16 -16.23
C ASP A 417 -34.77 24.45 -16.72
N GLN A 418 -35.56 25.50 -17.05
CA GLN A 418 -35.01 26.80 -17.49
C GLN A 418 -34.07 27.38 -16.43
N TYR A 419 -34.40 27.20 -15.14
CA TYR A 419 -33.57 27.69 -14.04
C TYR A 419 -32.38 26.78 -13.80
N LEU A 420 -32.57 25.46 -13.95
CA LEU A 420 -31.47 24.49 -13.82
C LEU A 420 -30.41 24.75 -14.90
N ALA A 421 -30.86 25.04 -16.13
CA ALA A 421 -29.97 25.32 -17.28
C ALA A 421 -29.09 26.55 -17.03
N LYS A 422 -29.65 27.56 -16.37
CA LYS A 422 -28.92 28.80 -16.11
C LYS A 422 -28.09 28.75 -14.81
N TYR A 423 -28.71 28.32 -13.73
CA TYR A 423 -28.13 28.37 -12.39
C TYR A 423 -27.51 27.07 -11.85
N VAL A 424 -27.73 25.94 -12.52
CA VAL A 424 -27.16 24.65 -12.09
C VAL A 424 -26.32 24.06 -13.25
N ARG A 425 -25.72 24.95 -14.08
CA ARG A 425 -24.83 24.53 -15.16
C ARG A 425 -23.52 24.06 -14.52
N GLY A 426 -22.70 23.38 -15.30
CA GLY A 426 -21.39 22.99 -14.85
C GLY A 426 -20.43 24.13 -15.08
N SER A 427 -19.22 24.03 -14.52
CA SER A 427 -18.22 25.06 -14.73
C SER A 427 -17.64 24.98 -16.15
N ASN A 428 -17.03 26.07 -16.62
CA ASN A 428 -16.36 26.19 -17.93
C ASN A 428 -17.04 25.43 -19.12
N GLY A 429 -18.31 25.75 -19.40
CA GLY A 429 -19.01 25.18 -20.55
C GLY A 429 -19.75 23.86 -20.39
N MET A 430 -19.61 23.15 -19.26
CA MET A 430 -20.35 21.90 -19.06
C MET A 430 -21.86 22.22 -18.87
N ASP A 431 -22.78 21.50 -19.57
CA ASP A 431 -24.24 21.73 -19.44
C ASP A 431 -24.77 21.18 -18.09
N HIS A 432 -25.95 21.66 -17.66
CA HIS A 432 -26.53 21.30 -16.37
C HIS A 432 -26.94 19.83 -16.29
N VAL A 433 -27.35 19.23 -17.43
CA VAL A 433 -27.78 17.82 -17.42
C VAL A 433 -26.59 16.95 -16.99
N GLN A 434 -25.42 17.16 -17.62
CA GLN A 434 -24.19 16.43 -17.31
C GLN A 434 -23.69 16.74 -15.89
N ARG A 435 -23.70 18.02 -15.50
CA ARG A 435 -23.25 18.42 -14.15
C ARG A 435 -24.06 17.70 -13.05
N ILE A 436 -25.41 17.79 -13.12
CA ILE A 436 -26.29 17.15 -12.13
C ILE A 436 -26.08 15.62 -12.16
N LYS A 437 -25.95 15.05 -13.36
CA LYS A 437 -25.77 13.61 -13.54
C LYS A 437 -24.48 13.13 -12.81
N ILE A 438 -23.36 13.83 -13.02
CA ILE A 438 -22.09 13.46 -12.38
C ILE A 438 -22.20 13.53 -10.85
N LEU A 439 -22.75 14.63 -10.35
CA LEU A 439 -22.84 14.84 -8.90
C LEU A 439 -23.85 13.92 -8.22
N LYS A 440 -24.93 13.53 -8.93
CA LYS A 440 -25.87 12.54 -8.38
C LYS A 440 -25.21 11.16 -8.34
N LEU A 441 -24.36 10.88 -9.33
CA LEU A 441 -23.61 9.61 -9.36
C LEU A 441 -22.67 9.54 -8.13
N MET A 442 -21.97 10.65 -7.85
CA MET A 442 -21.09 10.73 -6.68
C MET A 442 -21.89 10.62 -5.38
N TRP A 443 -23.03 11.32 -5.28
CA TRP A 443 -23.85 11.24 -4.07
C TRP A 443 -24.36 9.81 -3.87
N ASP A 444 -24.76 9.10 -4.92
CA ASP A 444 -25.25 7.73 -4.77
C ASP A 444 -24.09 6.81 -4.31
N ALA A 445 -22.85 7.14 -4.69
CA ALA A 445 -21.68 6.37 -4.29
C ALA A 445 -21.38 6.53 -2.80
N ILE A 446 -21.69 7.69 -2.19
CA ILE A 446 -21.26 7.93 -0.79
C ILE A 446 -22.32 8.40 0.23
N GLY A 447 -23.36 9.13 -0.20
CA GLY A 447 -24.35 9.72 0.72
C GLY A 447 -25.77 9.18 0.72
N SER A 448 -26.20 8.52 -0.38
CA SER A 448 -27.51 7.87 -0.43
C SER A 448 -27.48 6.74 0.63
N GLU A 449 -28.62 6.08 0.89
CA GLU A 449 -28.61 4.97 1.86
C GLU A 449 -27.67 3.85 1.36
N PHE A 450 -27.64 3.63 0.04
CA PHE A 450 -26.75 2.66 -0.63
C PHE A 450 -25.26 3.06 -0.36
N GLY A 451 -24.93 4.35 -0.53
CA GLY A 451 -23.58 4.85 -0.23
C GLY A 451 -23.21 4.64 1.23
N GLY A 452 -24.16 4.91 2.12
CA GLY A 452 -23.98 4.73 3.57
C GLY A 452 -23.74 3.27 3.92
N ARG A 453 -24.53 2.36 3.32
CA ARG A 453 -24.37 0.91 3.53
C ARG A 453 -23.00 0.48 3.00
N HIS A 454 -22.57 1.02 1.83
CA HIS A 454 -21.25 0.65 1.26
C HIS A 454 -20.11 1.11 2.17
N GLU A 455 -20.26 2.25 2.84
CA GLU A 455 -19.24 2.70 3.80
C GLU A 455 -19.21 1.72 4.98
N LEU A 456 -20.41 1.33 5.51
CA LEU A 456 -20.48 0.38 6.63
C LEU A 456 -19.81 -0.97 6.23
N TYR A 457 -20.07 -1.41 4.99
CA TYR A 457 -19.52 -2.65 4.42
C TYR A 457 -18.00 -2.59 4.34
N GLU A 458 -17.44 -1.53 3.71
CA GLU A 458 -15.97 -1.41 3.52
C GLU A 458 -15.26 -1.31 4.86
N ILE A 459 -15.88 -0.66 5.85
CA ILE A 459 -15.26 -0.58 7.16
C ILE A 459 -15.21 -1.96 7.86
N ASN A 460 -16.32 -2.71 7.79
CA ASN A 460 -16.48 -3.92 8.59
C ASN A 460 -16.50 -5.30 7.94
N TYR A 461 -16.73 -5.41 6.65
CA TYR A 461 -17.07 -6.75 6.12
C TYR A 461 -16.05 -7.88 6.44
N SER A 462 -14.72 -7.61 6.52
CA SER A 462 -13.82 -8.74 6.81
C SER A 462 -13.51 -8.92 8.31
N GLY A 463 -14.10 -8.08 9.15
CA GLY A 463 -13.90 -8.15 10.60
C GLY A 463 -13.84 -6.80 11.28
N SER A 464 -13.90 -6.80 12.62
CA SER A 464 -13.78 -5.58 13.41
C SER A 464 -12.35 -5.01 13.24
N GLN A 465 -12.18 -3.71 13.58
CA GLN A 465 -10.86 -3.04 13.49
C GLN A 465 -9.79 -3.78 14.28
N ASP A 466 -10.12 -4.27 15.48
CA ASP A 466 -9.14 -5.02 16.28
C ASP A 466 -8.83 -6.35 15.65
N GLU A 467 -9.88 -7.10 15.25
CA GLU A 467 -9.72 -8.44 14.67
C GLU A 467 -8.85 -8.47 13.41
N ILE A 468 -9.06 -7.55 12.46
CA ILE A 468 -8.24 -7.50 11.22
C ILE A 468 -6.74 -7.21 11.57
N ARG A 469 -6.52 -6.33 12.57
CA ARG A 469 -5.15 -6.03 13.03
C ARG A 469 -4.54 -7.23 13.75
N LEU A 470 -5.34 -7.92 14.59
CA LEU A 470 -4.86 -9.13 15.32
C LEU A 470 -4.42 -10.20 14.33
N GLN A 471 -5.24 -10.39 13.27
CA GLN A 471 -4.96 -11.39 12.25
C GLN A 471 -3.76 -11.02 11.40
N CYS A 472 -3.53 -9.71 11.21
CA CYS A 472 -2.35 -9.23 10.51
C CYS A 472 -1.10 -9.58 11.36
N LEU A 473 -1.17 -9.33 12.67
CA LEU A 473 -0.05 -9.67 13.58
C LEU A 473 0.18 -11.20 13.60
N ARG A 474 -0.88 -11.99 13.74
CA ARG A 474 -0.77 -13.47 13.77
C ARG A 474 -0.10 -14.02 12.52
N GLN A 475 -0.43 -13.47 11.34
CA GLN A 475 0.19 -13.88 10.08
C GLN A 475 1.71 -13.63 10.15
N ALA A 476 2.14 -12.45 10.63
CA ALA A 476 3.55 -12.09 10.76
C ALA A 476 4.26 -13.09 11.67
N GLN A 477 3.62 -13.46 12.79
CA GLN A 477 4.19 -14.39 13.77
C GLN A 477 4.25 -15.82 13.21
N ASN A 478 3.10 -16.34 12.73
CA ASN A 478 2.98 -17.72 12.22
C ASN A 478 3.83 -18.02 11.00
N SER A 479 4.01 -17.02 10.11
CA SER A 479 4.79 -17.21 8.89
C SER A 479 6.30 -17.26 9.12
N GLY A 480 6.77 -16.71 10.23
CA GLY A 480 8.19 -16.56 10.48
C GLY A 480 8.68 -15.15 10.13
N ASN A 481 7.81 -14.29 9.53
CA ASN A 481 8.18 -12.91 9.19
C ASN A 481 8.66 -12.13 10.41
N MET A 482 7.94 -12.25 11.54
CA MET A 482 8.28 -11.57 12.79
C MET A 482 9.64 -12.04 13.33
N ASP A 483 9.92 -13.36 13.26
CA ASP A 483 11.22 -13.88 13.70
C ASP A 483 12.36 -13.37 12.85
N LYS A 484 12.13 -13.17 11.54
CA LYS A 484 13.15 -12.62 10.65
C LYS A 484 13.41 -11.13 10.95
N MET A 485 12.33 -10.36 11.21
CA MET A 485 12.48 -8.94 11.61
C MET A 485 13.22 -8.89 12.95
N MET A 486 12.85 -9.79 13.89
CA MET A 486 13.47 -9.91 15.21
C MET A 486 14.97 -10.24 15.14
N ALA A 487 15.37 -11.09 14.17
CA ALA A 487 16.80 -11.43 13.99
C ALA A 487 17.62 -10.17 13.67
N MET A 488 17.04 -9.21 12.93
CA MET A 488 17.72 -7.96 12.62
C MET A 488 17.87 -7.09 13.89
N VAL A 489 16.81 -6.98 14.71
CA VAL A 489 16.84 -6.22 15.96
C VAL A 489 17.85 -6.87 16.93
N ASP A 490 17.84 -8.22 17.04
CA ASP A 490 18.80 -8.94 17.90
C ASP A 490 20.23 -8.74 17.43
N ARG A 491 20.46 -8.65 16.09
CA ARG A 491 21.81 -8.38 15.56
C ARG A 491 22.26 -6.96 16.01
N CYS A 492 21.38 -5.96 15.87
CA CYS A 492 21.67 -4.59 16.29
C CYS A 492 22.08 -4.56 17.77
N LEU A 493 21.26 -5.19 18.63
CA LEU A 493 21.51 -5.30 20.08
C LEU A 493 22.83 -6.01 20.41
N SER A 494 23.22 -7.02 19.63
CA SER A 494 24.45 -7.78 19.89
C SER A 494 25.72 -6.98 19.59
N GLU A 495 25.61 -5.85 18.86
CA GLU A 495 26.73 -5.02 18.41
C GLU A 495 27.29 -4.05 19.46
N TYR A 496 26.70 -4.06 20.67
CA TYR A 496 27.21 -3.24 21.77
C TYR A 496 26.71 -3.80 23.08
N ASP A 497 27.26 -3.32 24.18
CA ASP A 497 26.82 -3.68 25.53
C ASP A 497 27.08 -2.49 26.46
N GLN A 498 26.90 -2.67 27.79
CA GLN A 498 27.07 -1.56 28.76
C GLN A 498 28.50 -1.01 28.82
N ASP A 499 29.48 -1.72 28.22
CA ASP A 499 30.89 -1.29 28.19
C ASP A 499 31.32 -0.62 26.87
N GLY A 500 30.53 -0.73 25.82
CA GLY A 500 30.88 -0.15 24.54
C GLY A 500 30.52 -1.03 23.38
N TRP A 501 31.12 -0.78 22.21
CA TRP A 501 30.87 -1.56 21.00
C TRP A 501 31.44 -2.97 21.14
N THR A 502 30.78 -3.94 20.52
CA THR A 502 31.35 -5.30 20.51
C THR A 502 31.89 -5.56 19.09
N VAL A 503 31.69 -4.59 18.17
CA VAL A 503 32.13 -4.70 16.78
C VAL A 503 33.40 -3.84 16.60
N PRO A 504 34.40 -4.29 15.82
CA PRO A 504 35.67 -3.54 15.76
C PRO A 504 35.73 -2.29 14.86
N HIS A 505 34.73 -2.07 14.00
CA HIS A 505 34.79 -0.94 13.07
C HIS A 505 34.40 0.42 13.67
N LEU A 506 33.76 0.43 14.85
CA LEU A 506 33.29 1.66 15.49
C LEU A 506 34.16 2.16 16.60
N HIS A 507 34.17 3.48 16.81
CA HIS A 507 35.00 4.09 17.84
C HIS A 507 34.27 4.17 19.16
N ASN A 508 34.90 3.65 20.21
CA ASN A 508 34.37 3.80 21.58
C ASN A 508 34.50 5.27 22.01
N ASN A 509 33.70 5.71 23.00
CA ASN A 509 33.66 7.11 23.39
C ASN A 509 34.58 7.48 24.57
N ASP A 510 35.46 6.56 25.01
CA ASP A 510 36.39 6.79 26.13
C ASP A 510 37.23 8.05 25.99
N ASP A 511 37.61 8.39 24.75
CA ASP A 511 38.44 9.55 24.44
C ASP A 511 37.65 10.87 24.40
N ILE A 512 36.30 10.81 24.36
CA ILE A 512 35.50 12.03 24.22
C ILE A 512 34.41 12.20 25.31
N ASN A 513 34.09 11.14 26.07
CA ASN A 513 33.03 11.26 27.09
C ASN A 513 33.56 12.13 28.22
N MET A 514 32.85 13.26 28.49
N MET A 514 32.86 13.22 28.53
CA MET A 514 33.22 14.27 29.47
CA MET A 514 33.34 14.18 29.52
C MET A 514 32.60 14.12 30.86
C MET A 514 32.64 14.10 30.88
N LEU A 515 31.78 13.07 31.10
CA LEU A 515 31.03 12.90 32.36
C LEU A 515 31.89 12.78 33.63
N ASP A 516 33.00 12.03 33.59
CA ASP A 516 33.92 11.88 34.72
C ASP A 516 34.45 13.26 35.12
N LYS A 517 34.99 14.00 34.13
CA LYS A 517 35.55 15.34 34.28
C LYS A 517 34.53 16.38 34.80
N LEU A 518 33.23 16.17 34.50
CA LEU A 518 32.14 17.07 34.88
C LEU A 518 31.51 16.82 36.24
N LEU A 519 31.51 15.56 36.75
CA LEU A 519 30.77 15.24 37.98
C LEU A 519 31.62 14.85 39.22
N LYS A 520 32.81 15.46 39.36
CA LYS A 520 33.74 15.21 40.48
C LYS A 520 33.16 15.44 41.90
N MET B 1 44.51 14.57 -7.85
CA MET B 1 44.11 13.31 -7.22
C MET B 1 42.58 13.11 -7.22
N LYS B 2 42.10 12.27 -8.15
CA LYS B 2 40.69 11.87 -8.24
C LYS B 2 40.37 10.99 -7.01
N PRO B 3 39.19 11.11 -6.36
CA PRO B 3 38.91 10.26 -5.18
C PRO B 3 39.03 8.75 -5.48
N GLU B 4 38.62 8.31 -6.69
CA GLU B 4 38.71 6.89 -7.03
C GLU B 4 40.13 6.37 -7.25
N ASP B 5 41.12 7.29 -7.35
CA ASP B 5 42.52 6.88 -7.51
C ASP B 5 43.09 6.29 -6.22
N PHE B 6 42.32 6.33 -5.10
CA PHE B 6 42.70 5.66 -3.84
C PHE B 6 42.47 4.15 -3.94
N ARG B 7 41.70 3.72 -4.94
CA ARG B 7 41.46 2.28 -5.12
C ARG B 7 42.72 1.55 -5.60
N ALA B 8 42.97 0.35 -5.05
CA ALA B 8 44.10 -0.49 -5.46
C ALA B 8 43.77 -1.19 -6.79
N SER B 9 42.49 -1.14 -7.23
CA SER B 9 42.02 -1.74 -8.48
C SER B 9 40.98 -0.85 -9.16
N THR B 10 41.02 -0.78 -10.50
CA THR B 10 40.04 -0.02 -11.28
C THR B 10 38.85 -0.92 -11.68
N GLN B 11 38.86 -2.20 -11.23
CA GLN B 11 37.83 -3.17 -11.59
C GLN B 11 36.82 -3.47 -10.47
N ARG B 12 36.72 -2.56 -9.51
CA ARG B 12 35.78 -2.69 -8.39
C ARG B 12 35.59 -1.33 -7.74
N PRO B 13 34.49 -1.10 -6.99
CA PRO B 13 34.35 0.15 -6.26
C PRO B 13 35.32 0.18 -5.07
N PHE B 14 35.35 1.30 -4.32
CA PHE B 14 36.18 1.46 -3.13
C PHE B 14 35.95 0.32 -2.12
N THR B 15 36.99 0.02 -1.31
CA THR B 15 36.84 -0.78 -0.11
C THR B 15 36.55 0.34 0.96
N GLY B 16 36.19 -0.05 2.17
CA GLY B 16 35.94 0.92 3.24
C GLY B 16 37.16 1.77 3.58
N GLU B 17 38.33 1.12 3.64
CA GLU B 17 39.61 1.80 3.91
C GLU B 17 39.93 2.85 2.81
N GLU B 18 39.73 2.48 1.53
CA GLU B 18 40.01 3.40 0.41
C GLU B 18 39.01 4.56 0.42
N TYR B 19 37.75 4.26 0.74
CA TYR B 19 36.69 5.29 0.87
C TYR B 19 37.09 6.30 1.97
N LEU B 20 37.51 5.81 3.15
CA LEU B 20 37.92 6.70 4.25
C LEU B 20 39.11 7.57 3.85
N LYS B 21 40.10 7.00 3.15
CA LYS B 21 41.27 7.75 2.66
C LYS B 21 40.82 8.84 1.69
N SER B 22 39.81 8.52 0.84
CA SER B 22 39.26 9.48 -0.13
C SER B 22 38.55 10.70 0.50
N LEU B 23 38.18 10.62 1.79
CA LEU B 23 37.53 11.71 2.53
C LEU B 23 38.55 12.64 3.20
N GLN B 24 39.85 12.25 3.25
CA GLN B 24 40.92 13.05 3.89
C GLN B 24 41.47 13.99 2.83
N ASP B 25 40.59 14.81 2.29
CA ASP B 25 40.90 15.71 1.21
C ASP B 25 40.70 17.17 1.65
N GLY B 26 40.51 18.06 0.68
CA GLY B 26 40.34 19.49 0.92
C GLY B 26 38.95 19.94 1.34
N ARG B 27 38.02 19.01 1.67
CA ARG B 27 36.68 19.44 2.11
C ARG B 27 36.74 20.44 3.29
N GLU B 28 35.89 21.47 3.23
CA GLU B 28 35.86 22.53 4.23
C GLU B 28 34.50 22.50 4.95
N ILE B 29 34.48 21.84 6.12
CA ILE B 29 33.28 21.63 6.92
C ILE B 29 33.45 22.36 8.25
N TYR B 30 32.39 23.03 8.72
CA TYR B 30 32.40 23.70 10.01
C TYR B 30 31.38 23.08 10.92
N ILE B 31 31.72 22.99 12.21
CA ILE B 31 30.81 22.49 13.25
C ILE B 31 31.29 23.02 14.59
N TYR B 32 30.33 23.43 15.44
CA TYR B 32 30.64 23.97 16.78
C TYR B 32 31.67 25.10 16.72
N GLY B 33 31.50 25.99 15.74
CA GLY B 33 32.32 27.19 15.59
C GLY B 33 33.74 26.97 15.08
N GLU B 34 34.08 25.75 14.62
CA GLU B 34 35.46 25.44 14.17
C GLU B 34 35.46 24.62 12.88
N ARG B 35 36.53 24.72 12.06
CA ARG B 35 36.64 23.89 10.85
C ARG B 35 37.08 22.47 11.26
N VAL B 36 36.44 21.45 10.67
CA VAL B 36 36.78 20.04 10.88
C VAL B 36 38.15 19.82 10.19
N LYS B 37 39.13 19.30 10.93
CA LYS B 37 40.47 19.02 10.37
C LYS B 37 40.43 17.74 9.54
N ASP B 38 39.82 16.68 10.06
CA ASP B 38 39.72 15.41 9.32
C ASP B 38 38.38 14.78 9.66
N VAL B 39 37.48 14.71 8.67
CA VAL B 39 36.14 14.16 8.87
C VAL B 39 36.15 12.67 9.34
N THR B 40 37.21 11.88 9.01
CA THR B 40 37.28 10.46 9.40
C THR B 40 37.66 10.25 10.86
N THR B 41 38.25 11.26 11.52
CA THR B 41 38.67 11.16 12.93
C THR B 41 37.89 12.13 13.85
N HIS B 42 37.19 13.13 13.27
CA HIS B 42 36.44 14.11 14.06
C HIS B 42 35.33 13.41 14.87
N PRO B 43 35.14 13.77 16.17
CA PRO B 43 34.12 13.06 16.98
C PRO B 43 32.66 13.24 16.57
N ALA B 44 32.36 14.18 15.64
CA ALA B 44 31.00 14.37 15.14
C ALA B 44 30.69 13.47 13.92
N PHE B 45 31.73 12.94 13.27
CA PHE B 45 31.58 12.19 12.01
C PHE B 45 32.22 10.81 11.89
N ARG B 46 33.23 10.50 12.74
CA ARG B 46 34.02 9.27 12.63
C ARG B 46 33.19 7.96 12.53
N ASN B 47 32.13 7.82 13.34
CA ASN B 47 31.33 6.59 13.33
C ASN B 47 30.40 6.53 12.15
N ALA B 48 29.76 7.67 11.77
CA ALA B 48 28.91 7.70 10.57
C ALA B 48 29.81 7.36 9.33
N ALA B 49 31.07 7.86 9.32
CA ALA B 49 32.03 7.57 8.25
C ALA B 49 32.35 6.08 8.26
N ALA B 50 32.60 5.50 9.46
CA ALA B 50 32.90 4.06 9.60
C ALA B 50 31.70 3.21 9.13
N SER B 51 30.44 3.68 9.39
CA SER B 51 29.22 3.00 8.99
C SER B 51 29.09 2.96 7.48
N VAL B 52 29.40 4.07 6.78
CA VAL B 52 29.38 4.09 5.30
C VAL B 52 30.51 3.19 4.77
N ALA B 53 31.70 3.24 5.40
CA ALA B 53 32.85 2.40 4.99
C ALA B 53 32.50 0.91 5.03
N GLN B 54 31.65 0.49 6.00
N GLN B 54 31.66 0.48 6.03
CA GLN B 54 31.19 -0.90 6.11
CA GLN B 54 31.18 -0.90 6.15
C GLN B 54 30.40 -1.33 4.89
C GLN B 54 30.39 -1.32 4.90
N LEU B 55 29.59 -0.39 4.31
CA LEU B 55 28.81 -0.66 3.08
C LEU B 55 29.77 -0.95 1.93
N TYR B 56 30.85 -0.14 1.79
CA TYR B 56 31.83 -0.39 0.76
C TYR B 56 32.53 -1.75 0.98
N ASP B 57 32.89 -2.09 2.24
CA ASP B 57 33.54 -3.40 2.53
C ASP B 57 32.65 -4.59 2.15
N ALA B 58 31.33 -4.46 2.36
CA ALA B 58 30.33 -5.50 2.07
C ALA B 58 30.29 -5.90 0.59
N LEU B 59 30.59 -4.94 -0.32
CA LEU B 59 30.63 -5.17 -1.78
C LEU B 59 31.67 -6.25 -2.17
N HIS B 60 32.71 -6.42 -1.35
CA HIS B 60 33.82 -7.33 -1.66
C HIS B 60 33.81 -8.61 -0.82
N LYS B 61 32.91 -8.71 0.15
CA LYS B 61 32.85 -9.86 1.03
C LYS B 61 32.08 -10.99 0.34
N PRO B 62 32.58 -12.24 0.35
CA PRO B 62 31.79 -13.36 -0.20
C PRO B 62 30.42 -13.50 0.48
N GLU B 63 30.29 -13.12 1.77
CA GLU B 63 29.01 -13.19 2.50
C GLU B 63 27.95 -12.21 1.97
N MET B 64 28.31 -11.23 1.10
CA MET B 64 27.32 -10.28 0.57
C MET B 64 27.45 -9.92 -0.92
N GLN B 65 28.64 -10.12 -1.53
CA GLN B 65 28.97 -9.73 -2.91
C GLN B 65 27.91 -10.11 -3.96
N ASP B 66 27.44 -11.35 -3.92
CA ASP B 66 26.46 -11.83 -4.87
C ASP B 66 25.09 -11.14 -4.75
N SER B 67 24.64 -10.82 -3.53
CA SER B 67 23.34 -10.14 -3.41
C SER B 67 23.52 -8.66 -3.72
N LEU B 68 24.75 -8.13 -3.60
CA LEU B 68 24.98 -6.70 -3.79
C LEU B 68 25.46 -6.25 -5.15
N CYS B 69 26.16 -7.13 -5.88
CA CYS B 69 26.93 -6.74 -7.05
C CYS B 69 26.62 -7.44 -8.35
N TRP B 70 26.91 -6.73 -9.45
CA TRP B 70 26.86 -7.23 -10.83
C TRP B 70 28.14 -6.80 -11.50
N ASN B 71 28.41 -7.34 -12.68
CA ASN B 71 29.50 -6.85 -13.51
C ASN B 71 29.05 -5.48 -14.04
N THR B 72 30.02 -4.66 -14.42
CA THR B 72 29.75 -3.37 -15.04
C THR B 72 29.31 -3.62 -16.49
N ASP B 73 28.65 -2.63 -17.11
CA ASP B 73 28.23 -2.74 -18.51
C ASP B 73 29.20 -1.91 -19.40
N THR B 74 30.32 -1.46 -18.82
CA THR B 74 31.29 -0.55 -19.44
C THR B 74 32.39 -1.21 -20.29
N GLY B 75 32.56 -2.52 -20.14
CA GLY B 75 33.62 -3.24 -20.81
C GLY B 75 34.91 -3.28 -20.00
N SER B 76 34.88 -2.77 -18.74
CA SER B 76 36.07 -2.76 -17.87
C SER B 76 36.41 -4.14 -17.29
N GLY B 77 35.44 -5.05 -17.28
CA GLY B 77 35.59 -6.36 -16.67
C GLY B 77 35.42 -6.32 -15.14
N GLY B 78 35.01 -5.17 -14.60
CA GLY B 78 34.84 -4.99 -13.18
C GLY B 78 33.44 -5.28 -12.68
N TYR B 79 33.18 -5.02 -11.38
CA TYR B 79 31.87 -5.21 -10.77
C TYR B 79 31.47 -3.96 -9.99
N THR B 80 30.19 -3.82 -9.66
CA THR B 80 29.68 -2.66 -8.94
C THR B 80 28.42 -3.04 -8.20
N HIS B 81 27.93 -2.15 -7.29
CA HIS B 81 26.66 -2.40 -6.62
C HIS B 81 25.60 -2.40 -7.72
N LYS B 82 24.65 -3.34 -7.67
CA LYS B 82 23.63 -3.50 -8.74
C LYS B 82 22.86 -2.22 -9.12
N PHE B 83 22.61 -1.36 -8.13
CA PHE B 83 21.85 -0.12 -8.38
C PHE B 83 22.68 0.99 -9.07
N PHE B 84 23.98 0.73 -9.32
CA PHE B 84 24.87 1.69 -10.00
C PHE B 84 24.92 1.46 -11.51
N ARG B 85 24.21 0.44 -11.98
CA ARG B 85 24.14 0.02 -13.38
C ARG B 85 22.69 0.10 -13.88
N VAL B 86 22.49 0.62 -15.11
CA VAL B 86 21.16 0.80 -15.69
C VAL B 86 20.42 -0.54 -15.76
N ALA B 87 19.20 -0.61 -15.21
CA ALA B 87 18.36 -1.81 -15.28
C ALA B 87 17.78 -1.92 -16.68
N LYS B 88 17.67 -3.16 -17.23
CA LYS B 88 17.16 -3.38 -18.59
C LYS B 88 16.02 -4.40 -18.63
N SER B 89 15.38 -4.64 -17.47
CA SER B 89 14.24 -5.55 -17.30
C SER B 89 13.62 -5.38 -15.92
N ALA B 90 12.43 -5.95 -15.71
CA ALA B 90 11.71 -5.95 -14.44
C ALA B 90 12.54 -6.79 -13.43
N ASP B 91 13.14 -7.91 -13.88
CA ASP B 91 13.99 -8.73 -13.01
C ASP B 91 15.23 -7.97 -12.56
N ASP B 92 15.81 -7.14 -13.44
CA ASP B 92 16.97 -6.31 -13.06
C ASP B 92 16.56 -5.37 -11.89
N LEU B 93 15.36 -4.77 -11.98
CA LEU B 93 14.85 -3.87 -10.93
C LEU B 93 14.63 -4.62 -9.62
N ARG B 94 14.11 -5.86 -9.69
CA ARG B 94 13.93 -6.71 -8.48
C ARG B 94 15.29 -7.02 -7.85
N GLN B 95 16.32 -7.37 -8.66
CA GLN B 95 17.67 -7.62 -8.14
C GLN B 95 18.23 -6.38 -7.47
N GLN B 96 18.00 -5.20 -8.08
CA GLN B 96 18.47 -3.90 -7.52
C GLN B 96 17.75 -3.62 -6.19
N ARG B 97 16.43 -3.90 -6.14
CA ARG B 97 15.59 -3.76 -4.94
C ARG B 97 16.24 -4.58 -3.78
N ASP B 98 16.59 -5.85 -4.05
CA ASP B 98 17.23 -6.72 -3.05
C ASP B 98 18.62 -6.24 -2.64
N ALA B 99 19.43 -5.72 -3.60
CA ALA B 99 20.78 -5.20 -3.33
C ALA B 99 20.68 -3.94 -2.43
N ILE B 100 19.65 -3.10 -2.67
CA ILE B 100 19.39 -1.91 -1.83
C ILE B 100 19.01 -2.39 -0.41
N ALA B 101 18.11 -3.40 -0.32
CA ALA B 101 17.66 -3.93 0.97
C ALA B 101 18.85 -4.47 1.78
N GLU B 102 19.73 -5.24 1.13
CA GLU B 102 20.91 -5.81 1.80
C GLU B 102 21.82 -4.73 2.37
N TRP B 103 22.10 -3.67 1.60
CA TRP B 103 22.92 -2.57 2.10
C TRP B 103 22.21 -1.83 3.24
N SER B 104 20.90 -1.59 3.10
CA SER B 104 20.11 -0.86 4.11
C SER B 104 20.08 -1.59 5.47
N ARG B 105 20.04 -2.94 5.44
N ARG B 105 20.05 -2.93 5.45
CA ARG B 105 20.04 -3.79 6.64
CA ARG B 105 20.04 -3.76 6.68
C ARG B 105 21.28 -3.55 7.51
C ARG B 105 21.29 -3.53 7.53
N LEU B 106 22.41 -3.13 6.89
CA LEU B 106 23.66 -2.82 7.57
C LEU B 106 23.54 -1.60 8.51
N SER B 107 22.54 -0.71 8.27
CA SER B 107 22.28 0.40 9.16
C SER B 107 20.86 0.27 9.76
N TYR B 108 20.22 -0.93 9.61
CA TYR B 108 18.86 -1.20 10.15
C TYR B 108 17.82 -0.22 9.63
N GLY B 109 18.05 0.33 8.43
CA GLY B 109 17.16 1.29 7.78
C GLY B 109 17.34 2.74 8.22
N TRP B 110 18.37 3.03 9.06
CA TRP B 110 18.57 4.38 9.63
C TRP B 110 19.40 5.32 8.77
N MET B 111 20.23 4.81 7.87
CA MET B 111 20.96 5.75 6.99
C MET B 111 20.18 5.86 5.68
N GLY B 112 19.61 7.03 5.45
CA GLY B 112 18.76 7.28 4.29
C GLY B 112 19.43 7.90 3.08
N ARG B 113 20.70 8.28 3.22
CA ARG B 113 21.39 8.93 2.11
C ARG B 113 22.69 8.23 1.81
N THR B 114 22.65 6.90 1.74
CA THR B 114 23.82 6.09 1.42
C THR B 114 24.15 6.22 -0.09
N PRO B 115 25.33 5.73 -0.57
CA PRO B 115 25.72 5.96 -1.98
C PRO B 115 24.74 5.48 -3.06
N ASP B 116 23.96 4.45 -2.76
CA ASP B 116 22.96 3.91 -3.67
C ASP B 116 21.81 4.89 -3.97
N TYR B 117 21.51 5.84 -3.06
CA TYR B 117 20.43 6.82 -3.30
C TYR B 117 20.72 7.63 -4.59
N LYS B 118 21.89 8.26 -4.68
CA LYS B 118 22.27 9.03 -5.88
C LYS B 118 22.84 8.19 -7.01
N ALA B 119 23.01 6.87 -6.80
CA ALA B 119 23.43 5.99 -7.90
C ALA B 119 22.32 6.04 -8.99
N ALA B 120 21.06 6.32 -8.58
CA ALA B 120 19.92 6.46 -9.50
C ALA B 120 20.14 7.65 -10.46
N PHE B 121 20.83 8.70 -9.99
CA PHE B 121 21.21 9.85 -10.81
C PHE B 121 22.26 9.44 -11.85
N GLY B 122 23.28 8.67 -11.44
CA GLY B 122 24.28 8.14 -12.36
C GLY B 122 23.61 7.34 -13.46
N CYS B 123 22.66 6.47 -13.07
CA CYS B 123 21.90 5.66 -14.03
C CYS B 123 21.03 6.49 -14.97
N ALA B 124 20.40 7.57 -14.45
CA ALA B 124 19.59 8.49 -15.26
C ALA B 124 20.44 9.11 -16.37
N LEU B 125 21.70 9.50 -16.05
CA LEU B 125 22.64 10.06 -17.02
C LEU B 125 23.01 9.02 -18.08
N GLY B 126 23.24 7.78 -17.66
CA GLY B 126 23.62 6.71 -18.57
C GLY B 126 22.52 6.19 -19.46
N ALA B 127 21.29 6.22 -18.96
CA ALA B 127 20.15 5.71 -19.70
C ALA B 127 19.69 6.66 -20.80
N ASN B 128 19.69 8.00 -20.52
CA ASN B 128 19.22 9.02 -21.45
C ASN B 128 20.25 10.18 -21.62
N PRO B 129 21.49 9.91 -22.09
CA PRO B 129 22.48 11.00 -22.20
C PRO B 129 22.16 12.04 -23.28
N GLY B 130 21.39 11.62 -24.30
CA GLY B 130 20.97 12.47 -25.42
C GLY B 130 20.15 13.66 -24.99
N PHE B 131 19.45 13.55 -23.84
CA PHE B 131 18.63 14.62 -23.26
C PHE B 131 19.43 15.91 -23.04
N TYR B 132 20.73 15.79 -22.69
CA TYR B 132 21.61 16.89 -22.29
C TYR B 132 22.24 17.68 -23.47
N GLY B 133 21.88 17.33 -24.72
CA GLY B 133 22.35 18.03 -25.91
C GLY B 133 23.86 18.09 -26.02
N GLN B 134 24.44 19.30 -26.02
CA GLN B 134 25.90 19.51 -26.10
C GLN B 134 26.67 18.92 -24.90
N PHE B 135 25.95 18.64 -23.77
CA PHE B 135 26.54 18.05 -22.57
C PHE B 135 26.34 16.53 -22.49
N GLU B 136 25.92 15.90 -23.61
CA GLU B 136 25.69 14.44 -23.70
C GLU B 136 26.91 13.63 -23.27
N GLN B 137 28.12 13.99 -23.76
CA GLN B 137 29.35 13.28 -23.42
C GLN B 137 29.65 13.33 -21.91
N ASN B 138 29.30 14.45 -21.25
CA ASN B 138 29.46 14.61 -19.78
C ASN B 138 28.56 13.59 -19.07
N ALA B 139 27.30 13.45 -19.54
CA ALA B 139 26.35 12.49 -18.98
C ALA B 139 26.89 11.06 -19.11
N ARG B 140 27.43 10.71 -20.30
CA ARG B 140 27.99 9.37 -20.56
C ARG B 140 29.18 9.09 -19.66
N ASN B 141 30.11 10.07 -19.57
CA ASN B 141 31.33 9.95 -18.77
C ASN B 141 31.03 9.86 -17.29
N TRP B 142 30.07 10.64 -16.81
CA TRP B 142 29.67 10.61 -15.40
C TRP B 142 29.02 9.29 -15.04
N TYR B 143 28.22 8.72 -15.95
CA TYR B 143 27.63 7.41 -15.71
C TYR B 143 28.74 6.34 -15.53
N THR B 144 29.69 6.28 -16.47
CA THR B 144 30.81 5.33 -16.46
C THR B 144 31.60 5.47 -15.17
N ARG B 145 31.94 6.72 -14.82
CA ARG B 145 32.70 7.05 -13.62
C ARG B 145 31.98 6.59 -12.36
N ILE B 146 30.71 6.98 -12.17
CA ILE B 146 29.95 6.60 -10.97
C ILE B 146 29.82 5.08 -10.86
N GLN B 147 29.45 4.44 -11.97
CA GLN B 147 29.24 3.00 -12.01
C GLN B 147 30.50 2.22 -11.62
N GLU B 148 31.65 2.51 -12.25
CA GLU B 148 32.85 1.74 -11.97
C GLU B 148 33.43 1.91 -10.58
N THR B 149 33.34 3.13 -10.04
CA THR B 149 34.00 3.50 -8.78
C THR B 149 33.13 3.37 -7.55
N GLY B 150 31.81 3.49 -7.72
CA GLY B 150 30.91 3.55 -6.58
C GLY B 150 31.03 4.91 -5.90
N LEU B 151 31.38 5.97 -6.69
CA LEU B 151 31.48 7.35 -6.16
C LEU B 151 30.22 7.71 -5.38
N TYR B 152 30.42 8.36 -4.26
CA TYR B 152 29.35 8.74 -3.35
C TYR B 152 28.88 10.16 -3.65
N PHE B 153 27.68 10.26 -4.23
CA PHE B 153 27.05 11.55 -4.50
C PHE B 153 25.93 11.79 -3.50
N ASN B 154 25.63 13.07 -3.28
CA ASN B 154 24.41 13.51 -2.64
C ASN B 154 23.90 14.62 -3.56
N HIS B 155 22.74 15.17 -3.27
CA HIS B 155 22.25 16.30 -4.04
C HIS B 155 21.76 17.38 -3.13
N ALA B 156 21.91 18.60 -3.61
CA ALA B 156 21.48 19.81 -2.90
C ALA B 156 20.58 20.49 -3.95
N ILE B 157 19.27 20.27 -3.83
CA ILE B 157 18.30 20.75 -4.82
C ILE B 157 17.34 21.79 -4.26
N VAL B 158 16.83 21.54 -3.05
CA VAL B 158 15.86 22.45 -2.43
C VAL B 158 16.58 23.73 -2.01
N ASN B 159 15.96 24.89 -2.29
CA ASN B 159 16.53 26.19 -1.96
C ASN B 159 16.38 26.44 -0.48
N PRO B 160 17.21 27.32 0.11
CA PRO B 160 17.07 27.60 1.56
C PRO B 160 15.66 28.09 1.89
N PRO B 161 15.08 27.71 3.05
CA PRO B 161 13.73 28.19 3.39
C PRO B 161 13.75 29.66 3.83
N ILE B 162 13.92 30.55 2.85
CA ILE B 162 13.98 32.01 2.98
C ILE B 162 13.16 32.60 1.85
N ASP B 163 12.25 33.53 2.16
CA ASP B 163 11.41 34.22 1.17
C ASP B 163 10.70 33.23 0.22
N ARG B 164 10.05 32.19 0.79
CA ARG B 164 9.30 31.18 0.02
C ARG B 164 8.14 31.78 -0.76
N HIS B 165 7.64 32.92 -0.31
CA HIS B 165 6.55 33.69 -0.92
C HIS B 165 6.98 34.36 -2.25
N LEU B 166 8.28 34.22 -2.64
CA LEU B 166 8.86 34.82 -3.85
C LEU B 166 9.40 33.79 -4.85
N PRO B 167 9.44 34.11 -6.17
CA PRO B 167 10.05 33.18 -7.14
C PRO B 167 11.58 33.11 -6.91
N THR B 168 12.21 31.99 -7.30
CA THR B 168 13.65 31.76 -7.07
C THR B 168 14.54 32.93 -7.56
N ASP B 169 14.23 33.52 -8.73
CA ASP B 169 15.01 34.64 -9.26
C ASP B 169 14.80 35.98 -8.50
N LYS B 170 13.93 36.00 -7.47
CA LYS B 170 13.69 37.20 -6.65
C LYS B 170 14.36 37.08 -5.25
N VAL B 171 15.13 35.99 -5.05
CA VAL B 171 15.91 35.75 -3.82
C VAL B 171 17.38 35.57 -4.30
N LYS B 172 17.83 36.54 -5.14
CA LYS B 172 19.15 36.59 -5.80
C LYS B 172 20.34 36.59 -4.85
N ASP B 173 20.17 37.15 -3.65
CA ASP B 173 21.22 37.24 -2.62
C ASP B 173 21.44 35.88 -1.89
N VAL B 174 20.60 34.86 -2.18
CA VAL B 174 20.68 33.57 -1.48
C VAL B 174 20.82 32.36 -2.41
N TYR B 175 19.91 32.22 -3.37
CA TYR B 175 19.81 31.02 -4.22
C TYR B 175 20.97 30.88 -5.22
N ILE B 176 21.31 29.61 -5.60
CA ILE B 176 22.39 29.27 -6.56
C ILE B 176 22.11 29.95 -7.90
N LYS B 177 23.13 30.62 -8.44
CA LYS B 177 23.04 31.35 -9.71
C LYS B 177 24.38 31.39 -10.42
N LEU B 178 24.35 31.54 -11.75
CA LEU B 178 25.53 31.72 -12.55
C LEU B 178 26.03 33.15 -12.35
N GLU B 179 27.33 33.30 -12.00
CA GLU B 179 28.01 34.57 -11.76
C GLU B 179 28.82 35.01 -12.98
N LYS B 180 29.49 34.05 -13.64
CA LYS B 180 30.41 34.31 -14.75
C LYS B 180 30.61 33.06 -15.61
N GLU B 181 30.65 33.28 -16.94
CA GLU B 181 30.91 32.25 -17.93
C GLU B 181 32.35 32.49 -18.40
N THR B 182 33.20 31.47 -18.26
CA THR B 182 34.62 31.56 -18.65
C THR B 182 35.01 30.38 -19.54
N ASP B 183 36.23 30.39 -20.10
CA ASP B 183 36.75 29.31 -20.95
C ASP B 183 36.92 28.00 -20.18
N ALA B 184 37.39 28.08 -18.92
CA ALA B 184 37.65 26.92 -18.06
C ALA B 184 36.37 26.30 -17.46
N GLY B 185 35.33 27.12 -17.33
CA GLY B 185 34.05 26.70 -16.80
C GLY B 185 33.20 27.85 -16.31
N ILE B 186 32.25 27.54 -15.44
CA ILE B 186 31.31 28.52 -14.93
C ILE B 186 31.55 28.84 -13.44
N ILE B 187 31.38 30.11 -13.06
CA ILE B 187 31.52 30.56 -11.67
C ILE B 187 30.11 30.63 -11.12
N VAL B 188 29.88 29.92 -10.02
CA VAL B 188 28.57 29.89 -9.37
C VAL B 188 28.69 30.32 -7.91
N SER B 189 27.62 30.89 -7.34
CA SER B 189 27.55 31.25 -5.94
C SER B 189 26.13 31.06 -5.47
N GLY B 190 25.98 30.84 -4.18
CA GLY B 190 24.67 30.68 -3.55
C GLY B 190 24.70 29.57 -2.53
N ALA B 191 23.53 29.23 -2.01
CA ALA B 191 23.40 28.17 -1.01
C ALA B 191 22.21 27.28 -1.34
N LYS B 192 22.26 26.05 -0.83
CA LYS B 192 21.16 25.10 -0.93
C LYS B 192 20.78 24.72 0.50
N VAL B 193 19.54 24.15 0.72
CA VAL B 193 19.12 23.68 2.06
C VAL B 193 20.11 22.62 2.48
N VAL B 194 19.83 22.01 3.61
CA VAL B 194 20.67 20.95 4.15
C VAL B 194 20.94 19.86 3.10
N ALA B 195 22.18 19.43 3.02
CA ALA B 195 22.66 18.40 2.10
C ALA B 195 23.02 17.23 3.02
N THR B 196 22.06 16.31 3.22
CA THR B 196 22.18 15.19 4.16
C THR B 196 23.38 14.30 3.91
N ASN B 197 24.25 14.17 4.95
CA ASN B 197 25.48 13.37 4.91
C ASN B 197 26.52 13.87 3.89
N SER B 198 26.37 15.11 3.38
N SER B 198 26.37 15.12 3.38
CA SER B 198 27.32 15.61 2.37
CA SER B 198 27.31 15.70 2.40
C SER B 198 28.76 15.71 2.86
C SER B 198 28.76 15.71 2.86
N ALA B 199 29.00 15.79 4.20
CA ALA B 199 30.34 15.81 4.80
C ALA B 199 31.13 14.52 4.48
N LEU B 200 30.40 13.44 4.15
CA LEU B 200 30.98 12.13 3.88
C LEU B 200 30.88 11.74 2.40
N THR B 201 30.53 12.70 1.53
CA THR B 201 30.39 12.40 0.09
C THR B 201 31.59 12.87 -0.75
N HIS B 202 31.68 12.37 -1.99
CA HIS B 202 32.72 12.75 -2.92
C HIS B 202 32.29 13.95 -3.74
N TYR B 203 31.03 13.93 -4.24
CA TYR B 203 30.48 14.98 -5.07
C TYR B 203 29.06 15.30 -4.71
N ASN B 204 28.61 16.50 -5.09
CA ASN B 204 27.19 16.80 -4.96
C ASN B 204 26.67 17.25 -6.32
N MET B 205 25.47 16.83 -6.65
CA MET B 205 24.78 17.30 -7.84
C MET B 205 24.01 18.53 -7.34
N ILE B 206 24.14 19.64 -8.04
CA ILE B 206 23.45 20.87 -7.65
C ILE B 206 22.40 21.12 -8.74
N GLY B 207 21.13 21.10 -8.33
CA GLY B 207 20.00 21.27 -9.24
C GLY B 207 18.98 22.30 -8.78
N PHE B 208 18.16 22.75 -9.71
CA PHE B 208 17.08 23.73 -9.53
C PHE B 208 15.93 23.18 -8.68
N GLY B 209 15.35 24.02 -7.83
CA GLY B 209 14.20 23.67 -7.00
C GLY B 209 12.93 23.63 -7.84
N SER B 210 12.20 22.48 -7.82
CA SER B 210 10.97 22.24 -8.60
C SER B 210 9.64 22.62 -7.88
N ALA B 211 9.61 22.70 -6.52
CA ALA B 211 8.40 23.06 -5.75
C ALA B 211 8.21 24.58 -5.62
N GLN B 212 9.18 25.34 -6.12
CA GLN B 212 9.19 26.80 -6.08
C GLN B 212 9.29 27.30 -7.52
N VAL B 213 8.44 28.28 -7.90
CA VAL B 213 8.44 28.88 -9.23
C VAL B 213 9.85 29.45 -9.51
N MET B 214 10.46 29.10 -10.66
CA MET B 214 11.81 29.55 -11.01
C MET B 214 11.90 31.04 -11.32
N GLY B 215 11.02 31.52 -12.19
CA GLY B 215 11.00 32.90 -12.63
C GLY B 215 11.30 33.04 -14.10
N GLU B 216 11.98 34.15 -14.46
CA GLU B 216 12.31 34.47 -15.86
C GLU B 216 13.82 34.68 -16.15
N ASN B 217 14.69 34.64 -15.12
CA ASN B 217 16.14 34.81 -15.27
C ASN B 217 16.83 33.45 -15.53
N PRO B 218 17.42 33.23 -16.74
CA PRO B 218 18.03 31.91 -17.03
C PRO B 218 19.32 31.60 -16.26
N ASP B 219 19.88 32.58 -15.51
CA ASP B 219 21.09 32.37 -14.70
C ASP B 219 20.86 31.40 -13.52
N PHE B 220 19.58 31.14 -13.18
CA PHE B 220 19.15 30.22 -12.14
C PHE B 220 18.83 28.82 -12.71
N ALA B 221 18.69 28.70 -14.05
CA ALA B 221 18.33 27.44 -14.75
C ALA B 221 19.61 26.60 -15.01
N LEU B 222 20.14 25.97 -13.93
CA LEU B 222 21.39 25.21 -13.97
C LEU B 222 21.29 23.84 -13.33
N MET B 223 22.12 22.92 -13.81
CA MET B 223 22.36 21.59 -13.22
C MET B 223 23.79 21.25 -13.51
N PHE B 224 24.52 20.91 -12.44
CA PHE B 224 25.94 20.60 -12.55
C PHE B 224 26.40 19.78 -11.34
N VAL B 225 27.64 19.28 -11.38
CA VAL B 225 28.19 18.52 -10.27
C VAL B 225 29.41 19.25 -9.71
N ALA B 226 29.63 19.15 -8.40
CA ALA B 226 30.78 19.80 -7.77
C ALA B 226 31.48 18.85 -6.80
N PRO B 227 32.81 18.67 -6.85
CA PRO B 227 33.47 17.85 -5.83
C PRO B 227 33.36 18.54 -4.48
N MET B 228 33.28 17.76 -3.42
CA MET B 228 33.21 18.28 -2.06
C MET B 228 34.47 19.05 -1.63
N ASP B 229 35.60 18.88 -2.36
CA ASP B 229 36.86 19.58 -2.10
C ASP B 229 37.09 20.73 -3.11
N ALA B 230 36.05 21.15 -3.87
CA ALA B 230 36.25 22.28 -4.81
C ALA B 230 36.46 23.56 -3.96
N ASP B 231 37.38 24.41 -4.38
CA ASP B 231 37.64 25.62 -3.64
C ASP B 231 36.40 26.54 -3.66
N GLY B 232 35.93 26.92 -2.48
CA GLY B 232 34.73 27.73 -2.35
C GLY B 232 33.52 26.94 -1.89
N VAL B 233 33.61 25.60 -1.94
CA VAL B 233 32.51 24.75 -1.43
C VAL B 233 32.69 24.73 0.10
N LYS B 234 31.64 25.03 0.85
CA LYS B 234 31.68 25.02 2.31
C LYS B 234 30.43 24.36 2.88
N LEU B 235 30.60 23.54 3.92
CA LEU B 235 29.49 22.93 4.63
C LEU B 235 29.41 23.50 6.03
N ILE B 236 28.22 23.93 6.42
CA ILE B 236 28.02 24.43 7.79
C ILE B 236 27.11 23.41 8.44
N SER B 237 27.69 22.59 9.33
CA SER B 237 26.97 21.47 9.91
C SER B 237 25.92 21.88 10.92
N ARG B 238 24.91 21.03 11.09
CA ARG B 238 23.91 21.19 12.16
C ARG B 238 24.52 20.50 13.41
N ALA B 239 23.81 20.54 14.55
CA ALA B 239 24.26 19.88 15.78
C ALA B 239 24.52 18.38 15.49
N SER B 240 25.56 17.81 16.11
CA SER B 240 25.92 16.41 15.86
C SER B 240 25.36 15.51 16.94
N TYR B 241 24.41 14.66 16.59
CA TYR B 241 23.85 13.70 17.54
C TYR B 241 24.91 12.65 17.85
N GLU B 242 25.77 12.34 16.88
CA GLU B 242 26.89 11.43 17.12
C GLU B 242 27.82 12.00 18.23
N MET B 243 28.26 13.25 18.10
CA MET B 243 29.18 13.83 19.07
C MET B 243 28.54 13.98 20.45
N VAL B 244 27.29 14.42 20.50
CA VAL B 244 26.57 14.59 21.77
C VAL B 244 26.44 13.22 22.48
N ALA B 245 26.03 12.16 21.75
CA ALA B 245 25.91 10.80 22.27
C ALA B 245 27.28 10.30 22.74
N GLY B 246 28.36 10.65 22.05
CA GLY B 246 29.71 10.28 22.48
C GLY B 246 30.17 11.03 23.72
N ALA B 247 29.92 12.36 23.77
CA ALA B 247 30.38 13.21 24.87
C ALA B 247 29.58 13.03 26.17
N THR B 248 28.26 12.76 26.07
CA THR B 248 27.36 12.70 27.23
C THR B 248 26.53 11.41 27.33
N GLY B 249 26.77 10.47 26.43
CA GLY B 249 26.05 9.19 26.44
C GLY B 249 27.02 8.05 26.23
N SER B 250 26.54 6.98 25.59
CA SER B 250 27.34 5.81 25.29
C SER B 250 26.60 5.04 24.18
N PRO B 251 27.27 4.08 23.51
CA PRO B 251 26.54 3.24 22.53
C PRO B 251 25.34 2.55 23.18
N TYR B 252 25.46 2.08 24.45
CA TYR B 252 24.33 1.44 25.15
C TYR B 252 23.13 2.40 25.31
N ASP B 253 23.43 3.68 25.62
CA ASP B 253 22.37 4.67 25.86
C ASP B 253 21.76 5.23 24.58
N TYR B 254 22.59 5.46 23.54
CA TYR B 254 22.15 6.04 22.27
C TYR B 254 22.75 5.20 21.13
N PRO B 255 22.25 3.97 20.96
CA PRO B 255 22.86 3.03 19.97
C PRO B 255 22.76 3.40 18.49
N LEU B 256 21.79 4.25 18.12
CA LEU B 256 21.63 4.65 16.73
C LEU B 256 22.32 5.97 16.49
N SER B 257 22.09 6.96 17.40
CA SER B 257 22.73 8.30 17.32
C SER B 257 24.25 8.15 17.22
N SER B 258 24.82 7.17 17.98
CA SER B 258 26.28 6.97 18.04
C SER B 258 26.93 6.43 16.76
N ARG B 259 26.15 5.93 15.77
N ARG B 259 26.15 5.92 15.77
CA ARG B 259 26.78 5.35 14.55
CA ARG B 259 26.77 5.33 14.57
C ARG B 259 26.09 5.68 13.23
C ARG B 259 26.09 5.66 13.24
N PHE B 260 24.83 6.13 13.25
CA PHE B 260 24.10 6.39 12.00
C PHE B 260 23.67 7.83 11.75
N ASP B 261 24.27 8.79 12.46
CA ASP B 261 23.87 10.19 12.29
C ASP B 261 24.36 10.73 10.93
N GLU B 262 23.43 11.19 10.07
CA GLU B 262 23.74 11.77 8.76
C GLU B 262 23.55 13.27 8.86
N ASN B 263 24.65 13.99 9.12
CA ASN B 263 24.57 15.43 9.38
C ASN B 263 23.93 16.22 8.24
N ASP B 264 22.82 16.91 8.56
CA ASP B 264 22.08 17.75 7.59
C ASP B 264 22.77 19.11 7.52
N ALA B 265 23.73 19.24 6.59
CA ALA B 265 24.56 20.44 6.50
C ALA B 265 24.10 21.48 5.51
N ILE B 266 24.22 22.77 5.86
CA ILE B 266 23.96 23.87 4.95
C ILE B 266 25.08 23.83 3.90
N LEU B 267 24.72 23.86 2.62
CA LEU B 267 25.72 23.81 1.56
C LEU B 267 25.89 25.20 0.97
N VAL B 268 27.11 25.72 1.01
CA VAL B 268 27.47 27.04 0.51
C VAL B 268 28.44 26.90 -0.64
N MET B 269 28.21 27.72 -1.69
CA MET B 269 29.08 27.78 -2.85
CA MET B 269 29.06 27.78 -2.88
C MET B 269 29.57 29.24 -3.01
N ASP B 270 30.80 29.48 -2.64
CA ASP B 270 31.40 30.82 -2.71
C ASP B 270 32.28 30.94 -3.96
N ASN B 271 31.71 31.50 -5.06
CA ASN B 271 32.43 31.71 -6.31
C ASN B 271 33.20 30.45 -6.72
N VAL B 272 32.48 29.33 -6.82
CA VAL B 272 33.08 28.05 -7.19
C VAL B 272 33.19 27.94 -8.70
N LEU B 273 34.38 27.53 -9.19
CA LEU B 273 34.58 27.28 -10.60
C LEU B 273 34.17 25.83 -10.89
N ILE B 274 33.14 25.67 -11.72
CA ILE B 274 32.60 24.39 -12.17
C ILE B 274 33.17 24.17 -13.58
N PRO B 275 34.10 23.21 -13.80
CA PRO B 275 34.59 22.98 -15.16
C PRO B 275 33.46 22.54 -16.10
N TRP B 276 33.58 22.85 -17.41
CA TRP B 276 32.57 22.51 -18.41
C TRP B 276 32.20 21.01 -18.43
N GLU B 277 33.17 20.12 -18.07
CA GLU B 277 32.99 18.65 -17.99
C GLU B 277 31.99 18.26 -16.89
N ASN B 278 31.68 19.18 -15.97
CA ASN B 278 30.77 18.95 -14.86
C ASN B 278 29.44 19.64 -15.03
N VAL B 279 29.23 20.32 -16.17
CA VAL B 279 27.98 21.01 -16.47
C VAL B 279 27.04 20.04 -17.21
N LEU B 280 25.77 20.02 -16.82
CA LEU B 280 24.79 19.13 -17.44
C LEU B 280 23.63 19.87 -18.11
N ILE B 281 23.11 20.94 -17.47
CA ILE B 281 22.02 21.81 -17.97
C ILE B 281 22.52 23.23 -17.75
N TYR B 282 22.57 24.06 -18.82
CA TYR B 282 23.12 25.40 -18.75
C TYR B 282 22.21 26.51 -19.31
N ARG B 283 21.71 27.41 -18.41
CA ARG B 283 20.87 28.59 -18.73
C ARG B 283 19.73 28.17 -19.66
N ASP B 284 19.11 27.04 -19.31
CA ASP B 284 18.15 26.35 -20.13
C ASP B 284 16.87 26.03 -19.36
N PHE B 285 15.90 26.95 -19.44
CA PHE B 285 14.58 26.81 -18.80
C PHE B 285 13.82 25.61 -19.36
N ASP B 286 13.96 25.36 -20.68
CA ASP B 286 13.32 24.25 -21.38
C ASP B 286 13.74 22.90 -20.81
N ARG B 287 15.07 22.66 -20.69
CA ARG B 287 15.59 21.39 -20.15
C ARG B 287 15.31 21.24 -18.66
N CYS B 288 15.35 22.36 -17.89
CA CYS B 288 15.03 22.35 -16.46
C CYS B 288 13.57 21.94 -16.23
N ARG B 289 12.63 22.50 -17.01
CA ARG B 289 11.21 22.14 -16.90
C ARG B 289 10.94 20.69 -17.36
N ARG B 290 11.70 20.20 -18.37
CA ARG B 290 11.52 18.84 -18.89
C ARG B 290 12.23 17.75 -18.08
N TRP B 291 13.25 18.11 -17.27
CA TRP B 291 14.08 17.15 -16.52
C TRP B 291 13.33 16.26 -15.54
N THR B 292 12.30 16.79 -14.85
CA THR B 292 11.56 15.99 -13.88
C THR B 292 10.86 14.81 -14.56
N MET B 293 10.29 15.03 -15.78
CA MET B 293 9.59 14.00 -16.54
C MET B 293 10.49 13.19 -17.48
N GLU B 294 11.55 13.81 -18.06
CA GLU B 294 12.44 13.16 -19.04
C GLU B 294 13.81 12.69 -18.53
N GLY B 295 14.29 13.29 -17.44
CA GLY B 295 15.59 12.98 -16.87
C GLY B 295 15.75 11.58 -16.30
N GLY B 296 14.69 11.02 -15.74
CA GLY B 296 14.73 9.66 -15.20
C GLY B 296 14.96 9.57 -13.70
N PHE B 297 15.80 10.44 -13.12
CA PHE B 297 16.10 10.40 -11.68
C PHE B 297 14.83 10.40 -10.78
N ALA B 298 13.91 11.36 -11.02
CA ALA B 298 12.66 11.50 -10.25
C ALA B 298 11.83 10.22 -10.33
N ARG B 299 12.06 9.45 -11.41
CA ARG B 299 11.38 8.21 -11.71
C ARG B 299 12.19 6.97 -11.31
N MET B 300 13.26 7.16 -10.48
CA MET B 300 14.12 6.06 -10.05
C MET B 300 14.43 6.02 -8.55
N TYR B 301 14.87 7.15 -7.94
CA TYR B 301 15.24 7.21 -6.53
C TYR B 301 14.17 6.70 -5.52
N PRO B 302 12.82 6.89 -5.70
CA PRO B 302 11.87 6.40 -4.67
C PRO B 302 11.88 4.88 -4.52
N LEU B 303 12.48 4.16 -5.50
CA LEU B 303 12.64 2.71 -5.35
C LEU B 303 13.62 2.47 -4.19
N GLN B 304 14.75 3.21 -4.19
CA GLN B 304 15.73 3.09 -3.13
C GLN B 304 15.09 3.49 -1.78
N ALA B 305 14.42 4.65 -1.74
CA ALA B 305 13.85 5.21 -0.51
C ALA B 305 12.73 4.33 0.10
N CYS B 306 11.89 3.75 -0.76
CA CYS B 306 10.81 2.87 -0.31
C CYS B 306 11.39 1.60 0.35
N VAL B 307 12.44 1.00 -0.26
CA VAL B 307 13.09 -0.19 0.29
C VAL B 307 13.78 0.15 1.64
N ARG B 308 14.52 1.27 1.66
CA ARG B 308 15.24 1.73 2.86
C ARG B 308 14.20 1.92 4.02
N LEU B 309 13.06 2.57 3.74
CA LEU B 309 12.01 2.73 4.78
C LEU B 309 11.46 1.34 5.21
N ALA B 310 11.22 0.43 4.23
CA ALA B 310 10.65 -0.88 4.53
C ALA B 310 11.61 -1.66 5.47
N VAL B 311 12.92 -1.51 5.27
CA VAL B 311 13.94 -2.12 6.15
C VAL B 311 13.83 -1.47 7.54
N LYS B 312 13.73 -0.14 7.61
CA LYS B 312 13.57 0.53 8.92
C LYS B 312 12.30 0.02 9.61
N LEU B 313 11.21 -0.23 8.84
CA LEU B 313 9.96 -0.73 9.41
C LEU B 313 10.05 -2.18 9.86
N ASP B 314 10.88 -3.02 9.19
CA ASP B 314 11.18 -4.39 9.68
C ASP B 314 11.76 -4.24 11.12
N PHE B 315 12.73 -3.31 11.28
CA PHE B 315 13.41 -3.04 12.54
C PHE B 315 12.43 -2.51 13.59
N ILE B 316 11.67 -1.44 13.24
CA ILE B 316 10.73 -0.83 14.21
C ILE B 316 9.65 -1.81 14.65
N THR B 317 9.12 -2.61 13.72
CA THR B 317 8.04 -3.56 14.03
C THR B 317 8.49 -4.56 15.10
N ALA B 318 9.63 -5.26 14.86
CA ALA B 318 10.13 -6.25 15.82
C ALA B 318 10.59 -5.55 17.12
N LEU B 319 11.14 -4.32 17.03
CA LEU B 319 11.59 -3.60 18.22
C LEU B 319 10.38 -3.20 19.08
N LEU B 320 9.24 -2.89 18.43
CA LEU B 320 8.01 -2.58 19.18
C LEU B 320 7.53 -3.85 19.89
N LYS B 321 7.54 -5.00 19.21
CA LYS B 321 7.20 -6.27 19.86
C LYS B 321 8.11 -6.50 21.07
N LYS B 322 9.44 -6.33 20.89
CA LYS B 322 10.43 -6.52 21.98
C LYS B 322 10.15 -5.60 23.16
N SER B 323 9.86 -4.33 22.87
CA SER B 323 9.56 -3.31 23.89
C SER B 323 8.31 -3.72 24.70
N LEU B 324 7.27 -4.25 24.02
CA LEU B 324 6.02 -4.67 24.69
C LEU B 324 6.20 -5.95 25.50
N GLU B 325 7.16 -6.79 25.10
CA GLU B 325 7.56 -7.98 25.89
C GLU B 325 8.22 -7.49 27.19
N CYS B 326 8.97 -6.36 27.16
CA CYS B 326 9.61 -5.77 28.37
C CYS B 326 8.59 -5.43 29.42
N THR B 327 7.53 -4.72 29.02
CA THR B 327 6.48 -4.19 29.92
C THR B 327 5.42 -5.24 30.25
N GLY B 328 5.31 -6.29 29.43
CA GLY B 328 4.32 -7.35 29.63
C GLY B 328 2.94 -7.04 29.06
N THR B 329 2.77 -5.87 28.41
CA THR B 329 1.44 -5.48 27.84
C THR B 329 1.08 -6.15 26.52
N LEU B 330 2.05 -6.87 25.91
CA LEU B 330 1.80 -7.62 24.65
C LEU B 330 0.69 -8.67 24.82
N GLU B 331 0.33 -9.01 26.06
CA GLU B 331 -0.73 -9.99 26.32
C GLU B 331 -2.15 -9.41 26.05
N PHE B 332 -2.28 -8.06 25.96
CA PHE B 332 -3.59 -7.42 25.78
C PHE B 332 -4.02 -7.23 24.33
N ARG B 333 -5.31 -7.44 24.07
CA ARG B 333 -5.93 -7.33 22.75
C ARG B 333 -5.63 -5.99 22.06
N GLY B 334 -5.89 -4.87 22.75
CA GLY B 334 -5.69 -3.52 22.20
C GLY B 334 -4.23 -3.28 21.80
N VAL B 335 -3.29 -3.76 22.62
CA VAL B 335 -1.84 -3.62 22.33
C VAL B 335 -1.47 -4.44 21.09
N GLN B 336 -1.93 -5.71 21.03
CA GLN B 336 -1.69 -6.58 19.88
C GLN B 336 -2.30 -5.96 18.61
N ALA B 337 -3.50 -5.36 18.70
CA ALA B 337 -4.14 -4.73 17.55
C ALA B 337 -3.27 -3.56 17.04
N ASP B 338 -2.76 -2.70 17.96
CA ASP B 338 -1.92 -1.58 17.56
C ASP B 338 -0.62 -2.08 16.90
N LEU B 339 0.00 -3.11 17.47
CA LEU B 339 1.21 -3.72 16.86
C LEU B 339 0.86 -4.30 15.47
N GLY B 340 -0.32 -4.91 15.34
CA GLY B 340 -0.81 -5.44 14.08
C GLY B 340 -0.91 -4.38 13.00
N GLU B 341 -1.30 -3.15 13.39
CA GLU B 341 -1.36 -2.08 12.40
C GLU B 341 0.07 -1.66 11.95
N VAL B 342 1.02 -1.62 12.88
CA VAL B 342 2.43 -1.33 12.53
C VAL B 342 2.90 -2.39 11.51
N VAL B 343 2.57 -3.68 11.76
CA VAL B 343 2.88 -4.79 10.84
C VAL B 343 2.29 -4.47 9.45
N ALA B 344 1.01 -4.03 9.39
CA ALA B 344 0.35 -3.72 8.11
C ALA B 344 1.11 -2.61 7.36
N TRP B 345 1.52 -1.53 8.05
CA TRP B 345 2.29 -0.46 7.40
C TRP B 345 3.64 -0.99 6.89
N ARG B 346 4.33 -1.77 7.72
CA ARG B 346 5.60 -2.40 7.33
C ARG B 346 5.37 -3.23 6.04
N ASN B 347 4.31 -4.07 6.01
CA ASN B 347 4.01 -4.92 4.84
C ASN B 347 3.75 -4.08 3.59
N THR B 348 3.09 -2.92 3.77
CA THR B 348 2.71 -2.02 2.66
C THR B 348 3.91 -1.58 1.82
N PHE B 349 4.96 -1.08 2.49
CA PHE B 349 6.14 -0.54 1.77
C PHE B 349 6.87 -1.64 1.03
N TRP B 350 6.92 -2.88 1.58
CA TRP B 350 7.52 -3.99 0.83
C TRP B 350 6.68 -4.32 -0.42
N ALA B 351 5.33 -4.35 -0.26
CA ALA B 351 4.39 -4.62 -1.38
C ALA B 351 4.53 -3.54 -2.47
N LEU B 352 4.67 -2.27 -2.08
CA LEU B 352 4.90 -1.19 -3.05
C LEU B 352 6.21 -1.43 -3.84
N SER B 353 7.30 -1.83 -3.17
CA SER B 353 8.59 -2.10 -3.84
C SER B 353 8.45 -3.31 -4.81
N ASP B 354 7.62 -4.32 -4.47
CA ASP B 354 7.33 -5.46 -5.35
C ASP B 354 6.68 -4.97 -6.63
N SER B 355 5.63 -4.12 -6.48
CA SER B 355 4.87 -3.57 -7.60
C SER B 355 5.74 -2.66 -8.48
N MET B 356 6.62 -1.85 -7.84
CA MET B 356 7.57 -0.99 -8.58
C MET B 356 8.34 -1.82 -9.61
N CYS B 357 8.76 -3.03 -9.21
CA CYS B 357 9.55 -3.91 -10.06
C CYS B 357 8.72 -4.71 -11.06
N SER B 358 7.66 -5.41 -10.61
N SER B 358 7.66 -5.40 -10.60
CA SER B 358 6.82 -6.24 -11.49
CA SER B 358 6.77 -6.22 -11.44
C SER B 358 6.12 -5.44 -12.60
C SER B 358 6.12 -5.44 -12.58
N GLU B 359 5.72 -4.18 -12.32
CA GLU B 359 5.03 -3.31 -13.29
C GLU B 359 5.98 -2.35 -14.03
N ALA B 360 7.29 -2.62 -13.97
CA ALA B 360 8.30 -1.80 -14.63
C ALA B 360 8.05 -1.72 -16.14
N THR B 361 8.42 -0.59 -16.76
CA THR B 361 8.20 -0.39 -18.19
C THR B 361 9.49 -0.05 -18.95
N PRO B 362 9.56 -0.38 -20.27
CA PRO B 362 10.72 0.07 -21.06
C PRO B 362 10.70 1.59 -21.19
N TRP B 363 11.87 2.20 -21.25
CA TRP B 363 12.01 3.65 -21.33
C TRP B 363 12.74 3.94 -22.64
N VAL B 364 13.97 4.45 -22.58
CA VAL B 364 14.78 4.76 -23.78
C VAL B 364 16.05 3.91 -23.76
N ASN B 365 16.62 3.65 -24.96
CA ASN B 365 17.88 2.91 -25.14
C ASN B 365 17.93 1.55 -24.39
N GLY B 366 16.79 0.88 -24.27
CA GLY B 366 16.67 -0.41 -23.60
C GLY B 366 16.54 -0.36 -22.08
N ALA B 367 16.63 0.85 -21.46
CA ALA B 367 16.51 1.03 -20.02
C ALA B 367 15.09 0.76 -19.56
N TYR B 368 14.92 0.24 -18.33
CA TYR B 368 13.62 0.01 -17.69
C TYR B 368 13.46 0.96 -16.51
N LEU B 369 12.22 1.41 -16.26
CA LEU B 369 11.92 2.29 -15.13
C LEU B 369 10.93 1.60 -14.21
N PRO B 370 11.07 1.73 -12.88
CA PRO B 370 10.05 1.14 -11.97
C PRO B 370 8.66 1.77 -12.19
N ASP B 371 7.59 1.06 -11.75
CA ASP B 371 6.23 1.59 -11.86
C ASP B 371 6.14 2.98 -11.23
N HIS B 372 5.85 3.99 -12.04
CA HIS B 372 5.82 5.39 -11.60
C HIS B 372 4.70 5.65 -10.54
N ALA B 373 3.51 5.05 -10.72
CA ALA B 373 2.42 5.22 -9.76
C ALA B 373 2.84 4.73 -8.35
N ALA B 374 3.55 3.57 -8.27
CA ALA B 374 4.00 3.02 -6.99
C ALA B 374 5.02 3.94 -6.30
N LEU B 375 5.90 4.58 -7.10
CA LEU B 375 6.89 5.54 -6.55
C LEU B 375 6.18 6.73 -5.88
N GLN B 376 5.18 7.31 -6.57
N GLN B 376 5.18 7.30 -6.57
CA GLN B 376 4.40 8.44 -6.06
CA GLN B 376 4.40 8.43 -6.07
C GLN B 376 3.60 8.05 -4.82
C GLN B 376 3.59 8.05 -4.83
N THR B 377 3.10 6.81 -4.80
CA THR B 377 2.29 6.26 -3.68
C THR B 377 3.14 6.13 -2.43
N TYR B 378 4.36 5.58 -2.57
CA TYR B 378 5.28 5.49 -1.45
C TYR B 378 5.47 6.92 -0.84
N ARG B 379 5.72 7.92 -1.71
CA ARG B 379 5.99 9.29 -1.24
C ARG B 379 4.82 9.88 -0.45
N VAL B 380 3.58 9.60 -0.89
CA VAL B 380 2.39 10.11 -0.19
C VAL B 380 2.15 9.36 1.14
N LEU B 381 2.21 8.02 1.13
CA LEU B 381 1.88 7.24 2.33
C LEU B 381 2.93 7.34 3.45
N ALA B 382 4.23 7.35 3.09
CA ALA B 382 5.32 7.29 4.09
C ALA B 382 5.19 8.32 5.22
N PRO B 383 4.95 9.64 4.97
CA PRO B 383 4.81 10.59 6.11
C PRO B 383 3.67 10.24 7.05
N MET B 384 2.54 9.79 6.48
CA MET B 384 1.35 9.43 7.27
C MET B 384 1.63 8.16 8.07
N ALA B 385 2.18 7.13 7.42
CA ALA B 385 2.52 5.87 8.09
C ALA B 385 3.53 6.11 9.23
N TYR B 386 4.59 6.88 8.95
CA TYR B 386 5.63 7.11 9.95
C TYR B 386 5.11 7.83 11.19
N ALA B 387 4.37 8.94 11.01
CA ALA B 387 3.79 9.71 12.12
C ALA B 387 2.83 8.80 12.95
N LYS B 388 2.02 7.99 12.26
CA LYS B 388 1.06 7.07 12.92
C LYS B 388 1.82 5.99 13.73
N ILE B 389 2.84 5.35 13.12
CA ILE B 389 3.66 4.34 13.80
C ILE B 389 4.31 4.92 15.08
N LYS B 390 4.91 6.11 14.98
CA LYS B 390 5.53 6.72 16.16
C LYS B 390 4.49 6.96 17.27
N ASN B 391 3.30 7.46 16.91
CA ASN B 391 2.22 7.69 17.88
C ASN B 391 1.79 6.36 18.53
N ILE B 392 1.66 5.29 17.72
CA ILE B 392 1.32 3.94 18.23
C ILE B 392 2.39 3.48 19.25
N ILE B 393 3.68 3.66 18.92
CA ILE B 393 4.74 3.24 19.87
C ILE B 393 4.58 3.99 21.20
N GLU B 394 4.48 5.31 21.12
CA GLU B 394 4.37 6.15 22.33
C GLU B 394 3.16 5.85 23.18
N ARG B 395 2.02 5.57 22.54
CA ARG B 395 0.77 5.33 23.27
C ARG B 395 0.66 3.90 23.80
N ASN B 396 1.58 3.00 23.39
CA ASN B 396 1.59 1.60 23.88
C ASN B 396 2.75 1.27 24.79
N VAL B 397 3.97 1.72 24.45
CA VAL B 397 5.15 1.46 25.30
C VAL B 397 5.09 2.41 26.51
N THR B 398 4.46 3.58 26.33
CA THR B 398 4.16 4.59 27.35
C THR B 398 5.35 4.82 28.32
N SER B 399 5.16 4.61 29.64
CA SER B 399 6.20 4.86 30.65
C SER B 399 7.45 4.00 30.50
N GLY B 400 7.39 2.90 29.74
CA GLY B 400 8.56 2.08 29.48
C GLY B 400 9.68 2.84 28.78
N LEU B 401 9.30 3.89 28.00
CA LEU B 401 10.25 4.72 27.25
C LEU B 401 10.95 5.79 28.09
N ILE B 402 10.52 5.97 29.35
CA ILE B 402 11.10 6.97 30.24
C ILE B 402 11.57 6.38 31.58
N TYR B 403 11.04 5.20 31.99
CA TYR B 403 11.39 4.51 33.23
C TYR B 403 12.74 3.80 32.99
N LEU B 404 13.81 4.63 32.83
CA LEU B 404 15.13 4.16 32.45
C LEU B 404 16.19 4.99 33.14
N PRO B 405 17.26 4.36 33.65
CA PRO B 405 18.32 5.14 34.31
C PRO B 405 19.02 5.98 33.26
N SER B 406 19.69 7.03 33.71
CA SER B 406 20.39 7.96 32.84
C SER B 406 21.44 7.35 31.94
N SER B 407 22.12 6.27 32.40
CA SER B 407 23.35 5.88 31.75
C SER B 407 23.78 4.44 31.95
N ALA B 408 24.66 3.94 31.06
CA ALA B 408 25.34 2.63 31.27
C ALA B 408 26.19 2.76 32.58
N ARG B 409 26.62 3.98 32.93
CA ARG B 409 27.37 4.23 34.18
C ARG B 409 26.55 3.78 35.40
N ASP B 410 25.20 3.93 35.36
CA ASP B 410 24.34 3.48 36.45
C ASP B 410 24.43 1.97 36.61
N LEU B 411 24.48 1.24 35.50
CA LEU B 411 24.61 -0.23 35.54
C LEU B 411 25.96 -0.66 36.08
N ASN B 412 26.99 0.17 35.84
CA ASN B 412 28.37 -0.14 36.23
C ASN B 412 28.71 0.31 37.66
N ASN B 413 27.74 0.91 38.37
CA ASN B 413 27.88 1.28 39.78
C ASN B 413 27.00 0.30 40.57
N PRO B 414 27.61 -0.64 41.33
CA PRO B 414 26.79 -1.63 42.06
C PRO B 414 25.77 -1.07 43.02
N GLN B 415 26.02 0.09 43.66
CA GLN B 415 25.03 0.67 44.57
C GLN B 415 23.73 1.03 43.82
N ILE B 416 23.85 1.52 42.59
CA ILE B 416 22.66 1.85 41.77
C ILE B 416 22.14 0.56 41.13
N ASP B 417 23.04 -0.22 40.53
CA ASP B 417 22.68 -1.44 39.80
C ASP B 417 21.85 -2.45 40.59
N GLN B 418 22.10 -2.57 41.90
CA GLN B 418 21.32 -3.49 42.75
C GLN B 418 19.83 -3.15 42.76
N TYR B 419 19.50 -1.85 42.70
CA TYR B 419 18.10 -1.43 42.62
C TYR B 419 17.55 -1.61 41.20
N LEU B 420 18.38 -1.36 40.17
CA LEU B 420 17.95 -1.55 38.76
C LEU B 420 17.64 -3.02 38.52
N ALA B 421 18.46 -3.93 39.09
CA ALA B 421 18.29 -5.38 38.95
C ALA B 421 16.94 -5.84 39.52
N LYS B 422 16.52 -5.25 40.63
CA LYS B 422 15.27 -5.62 41.28
C LYS B 422 14.05 -4.89 40.72
N TYR B 423 14.13 -3.56 40.61
CA TYR B 423 13.02 -2.68 40.25
C TYR B 423 12.92 -2.27 38.78
N VAL B 424 13.95 -2.52 37.97
CA VAL B 424 13.92 -2.17 36.54
C VAL B 424 14.19 -3.43 35.68
N ARG B 425 13.77 -4.59 36.21
CA ARG B 425 13.89 -5.86 35.48
C ARG B 425 12.85 -5.85 34.34
N GLY B 426 13.02 -6.75 33.39
CA GLY B 426 12.03 -6.95 32.34
C GLY B 426 10.92 -7.83 32.85
N SER B 427 9.81 -7.93 32.09
CA SER B 427 8.72 -8.80 32.46
C SER B 427 9.11 -10.28 32.23
N ASN B 428 8.37 -11.22 32.86
CA ASN B 428 8.54 -12.67 32.69
C ASN B 428 10.00 -13.19 32.56
N GLY B 429 10.83 -12.90 33.55
CA GLY B 429 12.20 -13.41 33.57
C GLY B 429 13.30 -12.62 32.86
N MET B 430 12.95 -11.58 32.09
CA MET B 430 13.96 -10.78 31.40
C MET B 430 14.79 -9.94 32.41
N ASP B 431 16.14 -10.00 32.31
CA ASP B 431 17.01 -9.23 33.19
C ASP B 431 16.96 -7.72 32.86
N HIS B 432 17.34 -6.87 33.82
CA HIS B 432 17.27 -5.42 33.69
C HIS B 432 18.21 -4.88 32.62
N VAL B 433 19.37 -5.54 32.41
CA VAL B 433 20.34 -5.04 31.42
C VAL B 433 19.70 -5.09 30.03
N GLN B 434 19.10 -6.24 29.69
CA GLN B 434 18.41 -6.44 28.40
C GLN B 434 17.16 -5.52 28.28
N ARG B 435 16.35 -5.44 29.34
CA ARG B 435 15.16 -4.59 29.34
C ARG B 435 15.51 -3.11 29.03
N ILE B 436 16.45 -2.54 29.79
CA ILE B 436 16.87 -1.13 29.60
C ILE B 436 17.46 -0.95 28.19
N LYS B 437 18.27 -1.93 27.75
CA LYS B 437 18.90 -1.88 26.44
C LYS B 437 17.84 -1.79 25.32
N ILE B 438 16.84 -2.67 25.34
CA ILE B 438 15.77 -2.67 24.32
C ILE B 438 15.04 -1.33 24.29
N LEU B 439 14.62 -0.86 25.45
CA LEU B 439 13.83 0.36 25.55
C LEU B 439 14.64 1.63 25.21
N LYS B 440 15.95 1.65 25.50
CA LYS B 440 16.80 2.78 25.09
C LYS B 440 16.99 2.76 23.56
N LEU B 441 17.04 1.54 22.97
CA LEU B 441 17.12 1.41 21.51
C LEU B 441 15.84 2.01 20.85
N MET B 442 14.68 1.68 21.40
CA MET B 442 13.42 2.22 20.90
C MET B 442 13.35 3.75 21.10
N TRP B 443 13.76 4.24 22.29
CA TRP B 443 13.76 5.69 22.52
C TRP B 443 14.70 6.41 21.54
N ASP B 444 15.89 5.84 21.27
CA ASP B 444 16.81 6.49 20.32
C ASP B 444 16.20 6.50 18.89
N ALA B 445 15.36 5.51 18.58
CA ALA B 445 14.70 5.45 17.29
C ALA B 445 13.64 6.55 17.12
N ILE B 446 12.96 6.98 18.21
CA ILE B 446 11.84 7.91 18.05
C ILE B 446 11.84 9.20 18.91
N GLY B 447 12.43 9.20 20.11
CA GLY B 447 12.36 10.33 21.04
C GLY B 447 13.62 11.12 21.32
N SER B 448 14.82 10.52 21.08
CA SER B 448 16.09 11.25 21.20
C SER B 448 16.07 12.36 20.13
N GLU B 449 17.07 13.27 20.13
CA GLU B 449 17.09 14.31 19.09
C GLU B 449 17.23 13.66 17.69
N PHE B 450 17.99 12.57 17.61
CA PHE B 450 18.17 11.76 16.38
C PHE B 450 16.78 11.19 15.93
N GLY B 451 16.01 10.63 16.88
CA GLY B 451 14.66 10.12 16.59
C GLY B 451 13.75 11.24 16.07
N GLY B 452 13.83 12.41 16.71
CA GLY B 452 13.04 13.58 16.33
C GLY B 452 13.39 14.07 14.94
N ARG B 453 14.71 14.13 14.63
CA ARG B 453 15.19 14.53 13.30
C ARG B 453 14.69 13.49 12.26
N HIS B 454 14.75 12.19 12.60
CA HIS B 454 14.28 11.13 11.68
C HIS B 454 12.78 11.27 11.37
N GLU B 455 11.99 11.69 12.36
CA GLU B 455 10.56 11.91 12.12
C GLU B 455 10.42 13.12 11.16
N LEU B 456 11.16 14.22 11.41
CA LEU B 456 11.10 15.39 10.53
C LEU B 456 11.50 14.99 9.07
N TYR B 457 12.53 14.17 8.94
CA TYR B 457 13.04 13.65 7.66
C TYR B 457 11.94 12.83 6.93
N GLU B 458 11.37 11.81 7.60
CA GLU B 458 10.36 10.94 6.98
C GLU B 458 9.12 11.72 6.57
N ILE B 459 8.75 12.73 7.35
CA ILE B 459 7.59 13.54 6.98
C ILE B 459 7.87 14.39 5.72
N ASN B 460 9.06 15.01 5.66
CA ASN B 460 9.36 16.01 4.63
C ASN B 460 10.35 15.74 3.53
N TYR B 461 11.25 14.78 3.67
CA TYR B 461 12.40 14.74 2.76
C TYR B 461 12.04 14.75 1.24
N SER B 462 10.94 14.12 0.77
CA SER B 462 10.72 14.15 -0.69
C SER B 462 9.81 15.31 -1.15
N GLY B 463 9.38 16.14 -0.21
CA GLY B 463 8.51 17.28 -0.52
C GLY B 463 7.47 17.56 0.54
N SER B 464 6.84 18.73 0.44
CA SER B 464 5.75 19.10 1.34
C SER B 464 4.55 18.16 1.13
N GLN B 465 3.62 18.12 2.11
CA GLN B 465 2.41 17.26 2.03
C GLN B 465 1.60 17.56 0.77
N ASP B 466 1.45 18.85 0.41
CA ASP B 466 0.72 19.20 -0.81
C ASP B 466 1.48 18.77 -2.06
N GLU B 467 2.79 19.06 -2.12
N GLU B 467 2.80 19.05 -2.12
CA GLU B 467 3.62 18.75 -3.29
CA GLU B 467 3.62 18.72 -3.29
C GLU B 467 3.66 17.26 -3.63
C GLU B 467 3.65 17.25 -3.63
N ILE B 468 3.84 16.38 -2.63
CA ILE B 468 3.88 14.91 -2.88
C ILE B 468 2.51 14.45 -3.46
N ARG B 469 1.40 15.04 -2.94
CA ARG B 469 0.05 14.72 -3.42
C ARG B 469 -0.18 15.26 -4.83
N LEU B 470 0.27 16.51 -5.10
CA LEU B 470 0.13 17.14 -6.43
C LEU B 470 0.88 16.30 -7.47
N GLN B 471 2.08 15.82 -7.12
CA GLN B 471 2.92 15.02 -8.00
C GLN B 471 2.32 13.65 -8.25
N CYS B 472 1.62 13.11 -7.23
CA CYS B 472 0.92 11.83 -7.37
C CYS B 472 -0.22 12.01 -8.39
N LEU B 473 -1.00 13.12 -8.26
CA LEU B 473 -2.07 13.43 -9.21
C LEU B 473 -1.49 13.65 -10.63
N ARG B 474 -0.39 14.43 -10.75
CA ARG B 474 0.23 14.72 -12.06
C ARG B 474 0.68 13.43 -12.77
N GLN B 475 1.22 12.48 -12.03
CA GLN B 475 1.63 11.20 -12.61
C GLN B 475 0.41 10.45 -13.18
N ALA B 476 -0.70 10.39 -12.41
CA ALA B 476 -1.93 9.74 -12.84
C ALA B 476 -2.42 10.38 -14.15
N GLN B 477 -2.40 11.72 -14.24
N GLN B 477 -2.40 11.72 -14.23
CA GLN B 477 -2.85 12.45 -15.42
CA GLN B 477 -2.84 12.44 -15.42
C GLN B 477 -1.92 12.30 -16.64
C GLN B 477 -1.89 12.23 -16.62
N ASN B 478 -0.59 12.51 -16.44
CA ASN B 478 0.43 12.41 -17.51
C ASN B 478 0.62 11.02 -18.09
N SER B 479 0.47 9.97 -17.27
CA SER B 479 0.65 8.60 -17.71
C SER B 479 -0.51 8.06 -18.55
N GLY B 480 -1.69 8.67 -18.44
CA GLY B 480 -2.90 8.16 -19.07
C GLY B 480 -3.73 7.33 -18.09
N ASN B 481 -3.22 7.07 -16.86
CA ASN B 481 -3.97 6.33 -15.83
C ASN B 481 -5.33 6.98 -15.53
N MET B 482 -5.34 8.30 -15.34
CA MET B 482 -6.58 9.06 -15.07
C MET B 482 -7.58 8.94 -16.21
N ASP B 483 -7.11 9.01 -17.48
CA ASP B 483 -8.00 8.87 -18.65
C ASP B 483 -8.60 7.47 -18.71
N LYS B 484 -7.86 6.45 -18.31
CA LYS B 484 -8.38 5.09 -18.30
C LYS B 484 -9.43 4.92 -17.18
N MET B 485 -9.18 5.50 -15.98
CA MET B 485 -10.17 5.46 -14.89
C MET B 485 -11.42 6.24 -15.36
N MET B 486 -11.20 7.40 -16.02
CA MET B 486 -12.30 8.24 -16.55
C MET B 486 -13.14 7.51 -17.60
N ALA B 487 -12.52 6.67 -18.45
CA ALA B 487 -13.26 5.89 -19.47
C ALA B 487 -14.28 4.96 -18.78
N MET B 488 -13.95 4.42 -17.59
CA MET B 488 -14.88 3.58 -16.85
C MET B 488 -16.08 4.41 -16.31
N VAL B 489 -15.79 5.59 -15.75
CA VAL B 489 -16.84 6.50 -15.23
C VAL B 489 -17.73 6.97 -16.39
N ASP B 490 -17.12 7.35 -17.54
CA ASP B 490 -17.89 7.74 -18.73
C ASP B 490 -18.76 6.59 -19.26
N ARG B 491 -18.29 5.33 -19.17
CA ARG B 491 -19.09 4.18 -19.59
C ARG B 491 -20.34 4.07 -18.66
N CYS B 492 -20.12 4.17 -17.34
CA CYS B 492 -21.21 4.12 -16.36
C CYS B 492 -22.27 5.19 -16.68
N LEU B 493 -21.82 6.43 -16.88
CA LEU B 493 -22.69 7.58 -17.23
C LEU B 493 -23.46 7.36 -18.55
N SER B 494 -22.84 6.71 -19.54
CA SER B 494 -23.47 6.48 -20.85
C SER B 494 -24.62 5.46 -20.79
N GLU B 495 -24.70 4.68 -19.70
CA GLU B 495 -25.68 3.59 -19.56
C GLU B 495 -27.08 4.02 -19.09
N TYR B 496 -27.28 5.32 -18.92
CA TYR B 496 -28.60 5.85 -18.56
C TYR B 496 -28.64 7.33 -18.92
N ASP B 497 -29.83 7.92 -18.89
CA ASP B 497 -30.02 9.35 -19.11
C ASP B 497 -31.26 9.79 -18.31
N GLN B 498 -31.73 11.03 -18.51
CA GLN B 498 -32.87 11.57 -17.75
C GLN B 498 -34.19 10.84 -18.01
N ASP B 499 -34.24 9.98 -19.05
CA ASP B 499 -35.44 9.20 -19.38
C ASP B 499 -35.41 7.74 -18.92
N GLY B 500 -34.25 7.23 -18.51
CA GLY B 500 -34.13 5.85 -18.06
C GLY B 500 -32.84 5.20 -18.52
N TRP B 501 -32.81 3.86 -18.52
CA TRP B 501 -31.63 3.11 -18.93
C TRP B 501 -31.42 3.24 -20.44
N THR B 502 -30.17 3.21 -20.89
CA THR B 502 -29.91 3.21 -22.33
C THR B 502 -29.44 1.79 -22.70
N VAL B 503 -29.29 0.91 -21.70
CA VAL B 503 -28.85 -0.47 -21.89
C VAL B 503 -30.07 -1.40 -21.79
N PRO B 504 -30.17 -2.45 -22.63
CA PRO B 504 -31.41 -3.27 -22.62
C PRO B 504 -31.57 -4.32 -21.52
N HIS B 505 -30.52 -4.61 -20.74
CA HIS B 505 -30.63 -5.68 -19.72
C HIS B 505 -31.31 -5.24 -18.41
N LEU B 506 -31.48 -3.94 -18.20
CA LEU B 506 -32.05 -3.42 -16.95
C LEU B 506 -33.48 -2.98 -17.07
N HIS B 507 -34.23 -3.09 -15.97
CA HIS B 507 -35.65 -2.74 -15.97
C HIS B 507 -35.85 -1.29 -15.63
N ASN B 508 -36.61 -0.58 -16.49
CA ASN B 508 -37.00 0.79 -16.22
C ASN B 508 -38.03 0.78 -15.07
N ASN B 509 -38.21 1.91 -14.38
CA ASN B 509 -39.07 1.98 -13.21
C ASN B 509 -40.51 2.42 -13.47
N ASP B 510 -40.92 2.56 -14.75
CA ASP B 510 -42.28 2.99 -15.14
C ASP B 510 -43.40 2.19 -14.46
N ASP B 511 -43.16 0.90 -14.24
CA ASP B 511 -44.15 0.00 -13.63
C ASP B 511 -44.20 0.10 -12.11
N ILE B 512 -43.20 0.74 -11.47
CA ILE B 512 -43.17 0.81 -10.01
C ILE B 512 -43.06 2.24 -9.43
N ASN B 513 -42.69 3.25 -10.25
CA ASN B 513 -42.57 4.62 -9.75
C ASN B 513 -43.95 5.15 -9.37
N MET B 514 -44.10 5.53 -8.08
N MET B 514 -44.11 5.55 -8.12
CA MET B 514 -45.37 5.98 -7.49
CA MET B 514 -45.43 5.98 -7.64
C MET B 514 -45.57 7.50 -7.44
C MET B 514 -45.59 7.50 -7.48
N LEU B 515 -44.60 8.29 -7.95
CA LEU B 515 -44.64 9.77 -7.85
C LEU B 515 -45.83 10.45 -8.55
N ASP B 516 -46.21 10.01 -9.75
CA ASP B 516 -47.39 10.55 -10.45
C ASP B 516 -48.64 10.37 -9.58
N LYS B 517 -48.86 9.12 -9.11
CA LYS B 517 -50.00 8.74 -8.25
C LYS B 517 -50.04 9.51 -6.92
N LEU B 518 -48.88 9.93 -6.40
N LEU B 518 -48.86 9.93 -6.41
CA LEU B 518 -48.82 10.69 -5.16
CA LEU B 518 -48.67 10.64 -5.14
C LEU B 518 -48.95 12.19 -5.35
C LEU B 518 -48.72 12.18 -5.25
N LEU B 519 -48.34 12.75 -6.41
CA LEU B 519 -48.26 14.20 -6.63
C LEU B 519 -49.22 14.82 -7.62
N LYS B 520 -49.73 14.05 -8.59
CA LYS B 520 -50.64 14.57 -9.63
C LYS B 520 -52.12 14.28 -9.37
PA FAD C . -17.96 -7.41 16.45
O1A FAD C . -16.97 -8.50 16.36
O2A FAD C . -19.12 -7.77 17.37
O5B FAD C . -17.29 -6.03 16.90
C5B FAD C . -18.03 -4.91 17.44
C4B FAD C . -17.16 -4.28 18.51
O4B FAD C . -17.07 -5.17 19.65
C3B FAD C . -15.71 -3.94 18.13
O3B FAD C . -15.27 -2.77 18.81
C2B FAD C . -14.94 -5.17 18.63
O2B FAD C . -13.57 -4.93 18.93
C1B FAD C . -15.71 -5.49 19.90
N9A FAD C . -15.62 -6.89 20.30
C8A FAD C . -16.36 -7.95 19.82
N7A FAD C . -16.03 -9.10 20.35
C5A FAD C . -15.01 -8.79 21.22
C6A FAD C . -14.22 -9.58 22.10
N6A FAD C . -14.40 -10.90 22.27
N1A FAD C . -13.29 -8.95 22.85
C2A FAD C . -13.16 -7.62 22.73
N3A FAD C . -13.83 -6.78 21.94
C4A FAD C . -14.74 -7.43 21.21
N1 FAD C . -20.96 -11.82 7.34
C2 FAD C . -21.18 -13.00 6.68
O2 FAD C . -21.03 -14.09 7.24
N3 FAD C . -21.63 -12.99 5.36
C4 FAD C . -21.95 -11.87 4.62
O4 FAD C . -22.41 -12.00 3.48
C4X FAD C . -21.73 -10.59 5.36
N5 FAD C . -22.06 -9.46 4.75
C5X FAD C . -21.93 -8.28 5.47
C6 FAD C . -22.39 -7.08 4.91
C7 FAD C . -22.34 -5.87 5.61
C7M FAD C . -22.95 -4.62 4.99
C8 FAD C . -21.77 -5.85 6.90
C8M FAD C . -21.64 -4.57 7.69
C9 FAD C . -21.32 -7.03 7.47
C9A FAD C . -21.40 -8.25 6.78
N10 FAD C . -21.05 -9.49 7.37
C10 FAD C . -21.22 -10.67 6.70
C1' FAD C . -20.52 -9.52 8.76
C2' FAD C . -19.10 -8.98 8.91
O2' FAD C . -18.16 -10.00 8.54
C3' FAD C . -18.87 -8.56 10.36
O3' FAD C . -19.62 -7.38 10.60
C4' FAD C . -17.43 -8.39 10.84
O4' FAD C . -16.81 -9.67 10.83
C5' FAD C . -17.34 -7.77 12.22
O5' FAD C . -17.96 -8.69 13.14
P FAD C . -19.22 -8.11 13.97
O1P FAD C . -20.24 -7.38 13.20
O2P FAD C . -19.81 -9.26 14.75
O3P FAD C . -18.55 -7.10 15.01
C1 PGE D . 1.56 -8.10 -12.85
O1 PGE D . 0.54 -7.44 -13.63
C2 PGE D . 1.09 -8.40 -11.47
O2 PGE D . 2.12 -9.03 -10.72
C3 PGE D . 1.97 -10.44 -10.63
C4 PGE D . 3.20 -11.13 -11.12
O4 PGE D . 2.96 -13.30 -13.82
C6 PGE D . 4.22 -13.25 -13.15
C5 PGE D . 4.09 -13.30 -11.64
O3 PGE D . 2.97 -12.54 -11.19
C1 PGE E . -2.79 0.56 -14.11
O1 PGE E . -3.34 0.32 -12.81
C2 PGE E . -3.39 1.82 -14.70
O2 PGE E . -4.79 1.64 -14.85
C3 PGE E . -5.52 2.82 -15.16
C4 PGE E . -7.00 2.52 -14.93
O4 PGE E . -8.92 -0.25 -17.66
C6 PGE E . -9.52 0.91 -17.03
C5 PGE E . -8.83 1.23 -15.71
O3 PGE E . -7.46 1.61 -15.93
C1 PEG F . -2.46 7.40 9.08
O1 PEG F . -2.45 8.82 9.18
C2 PEG F . -3.24 6.91 7.90
O2 PEG F . -4.52 7.50 7.92
C3 PEG F . -5.49 6.82 7.13
C4 PEG F . -6.78 6.73 7.89
O4 PEG F . -7.24 8.01 8.30
C1 PEG G . 39.70 14.55 22.46
O1 PEG G . 40.92 15.27 22.40
C2 PEG G . 39.73 13.31 21.62
O2 PEG G . 39.57 13.62 20.25
C3 PEG G . 39.59 12.47 19.42
C4 PEG G . 39.40 12.87 17.99
O4 PEG G . 40.62 13.26 17.38
C1 PEG H . -5.92 -29.29 -7.17
O1 PEG H . -4.61 -29.84 -7.09
C2 PEG H . -6.35 -29.06 -8.58
O2 PEG H . -6.28 -30.28 -9.31
C3 PEG H . -6.49 -30.12 -10.70
C4 PEG H . -6.18 -31.39 -11.42
O4 PEG H . -4.82 -31.79 -11.24
C1 PEG I . -23.89 -9.22 -22.51
O1 PEG I . -23.84 -8.32 -23.59
C2 PEG I . -22.54 -9.44 -21.93
O2 PEG I . -22.01 -8.24 -21.40
C3 PEG I . -20.60 -8.17 -21.48
C4 PEG I . -20.20 -6.80 -21.89
O4 PEG I . -18.91 -6.80 -22.46
C1 PEG J . -36.42 -40.24 11.95
O1 PEG J . -35.07 -39.85 12.11
C2 PEG J . -36.92 -41.03 13.13
O2 PEG J . -37.17 -40.16 14.23
C3 PEG J . -36.89 -40.78 15.49
C4 PEG J . -37.29 -39.89 16.62
O4 PEG J . -36.71 -40.30 17.85
C1 PEG K . -25.57 -12.55 -24.25
O1 PEG K . -26.82 -11.92 -24.46
C2 PEG K . -25.67 -14.05 -24.23
O2 PEG K . -24.38 -14.64 -24.30
C3 PEG K . -24.15 -15.35 -25.52
C4 PEG K . -22.82 -14.99 -26.09
O4 PEG K . -22.76 -15.20 -27.50
C1 PEG L . -41.22 -21.52 -13.33
O1 PEG L . -39.97 -22.12 -13.66
C2 PEG L . -41.22 -20.05 -13.63
O2 PEG L . -42.25 -19.41 -12.89
C3 PEG L . -41.75 -18.54 -11.87
C4 PEG L . -42.38 -18.87 -10.56
O4 PEG L . -41.46 -18.73 -9.49
C1 PEG M . 9.49 -8.74 -6.27
O1 PEG M . 9.81 -10.09 -5.95
C2 PEG M . 8.48 -8.65 -7.37
O2 PEG M . 9.06 -8.12 -8.55
C3 PEG M . 9.20 -9.08 -9.59
C4 PEG M . 9.83 -8.46 -10.78
O4 PEG M . 10.01 -9.41 -11.82
PA FAD N . 8.00 24.22 1.71
O1A FAD N . 7.87 23.87 0.28
O2A FAD N . 8.53 25.62 1.90
O5B FAD N . 6.62 23.94 2.51
C5B FAD N . 6.36 24.55 3.79
C4B FAD N . 4.89 24.95 3.79
O4B FAD N . 4.71 26.04 2.85
C3B FAD N . 3.92 23.86 3.36
O3B FAD N . 2.66 23.94 4.05
C2B FAD N . 3.73 24.14 1.87
O2B FAD N . 2.53 23.61 1.30
C1B FAD N . 3.76 25.66 1.86
N9A FAD N . 4.15 26.23 0.57
C8A FAD N . 5.43 26.39 0.12
N7A FAD N . 5.51 26.89 -1.09
C5A FAD N . 4.19 27.07 -1.46
C6A FAD N . 3.58 27.56 -2.63
N6A FAD N . 4.26 28.02 -3.69
N1A FAD N . 2.23 27.61 -2.68
C2A FAD N . 1.54 27.19 -1.61
N3A FAD N . 1.99 26.71 -0.45
C4A FAD N . 3.34 26.67 -0.44
N1 FAD N . 16.83 18.77 0.30
C2 FAD N . 17.88 18.51 -0.57
O2 FAD N . 17.97 19.10 -1.66
N3 FAD N . 18.88 17.61 -0.22
C4 FAD N . 18.96 16.91 0.98
O4 FAD N . 19.90 16.16 1.18
C4X FAD N . 17.84 17.20 1.91
N5 FAD N . 17.84 16.62 3.09
C5X FAD N . 16.81 16.93 3.98
C6 FAD N . 16.88 16.45 5.30
C7 FAD N . 15.93 16.80 6.26
C7M FAD N . 16.08 16.28 7.67
C8 FAD N . 14.87 17.66 5.89
C8M FAD N . 13.77 18.03 6.87
C9 FAD N . 14.80 18.14 4.59
C9A FAD N . 15.77 17.80 3.64
N10 FAD N . 15.78 18.40 2.34
C10 FAD N . 16.81 18.14 1.46
C1' FAD N . 14.70 19.33 1.96
C2' FAD N . 13.36 18.64 1.69
O2' FAD N . 13.41 18.00 0.42
C3' FAD N . 12.24 19.67 1.80
O3' FAD N . 12.04 19.95 3.18
C4' FAD N . 10.88 19.36 1.15
O4' FAD N . 11.10 19.23 -0.25
C5' FAD N . 9.82 20.40 1.43
O5' FAD N . 10.31 21.65 0.91
P FAD N . 10.51 22.86 1.95
O1P FAD N . 11.28 22.55 3.17
O2P FAD N . 11.09 24.03 1.20
O3P FAD N . 9.03 23.24 2.42
N1 EPE O . 22.78 -8.94 -15.67
C2 EPE O . 21.56 -9.72 -15.44
C3 EPE O . 20.69 -9.72 -16.68
N4 EPE O . 20.31 -8.34 -17.04
C5 EPE O . 21.51 -7.51 -17.22
C6 EPE O . 22.38 -7.56 -15.97
C7 EPE O . 19.50 -8.34 -18.26
C8 EPE O . 18.04 -8.05 -18.00
O8 EPE O . 17.44 -9.08 -17.20
C9 EPE O . 23.70 -9.00 -14.54
C10 EPE O . 24.54 -10.27 -14.61
S EPE O . 26.19 -9.92 -14.70
O1S EPE O . 26.56 -9.35 -13.41
O2S EPE O . 26.36 -8.96 -15.78
O3S EPE O . 26.88 -11.17 -14.95
C1 PGE P . 33.23 -10.89 -9.28
O1 PGE P . 34.27 -11.57 -8.62
C2 PGE P . 32.06 -10.65 -8.36
O2 PGE P . 31.00 -10.03 -9.07
C3 PGE P . 29.83 -10.84 -9.13
C4 PGE P . 29.06 -10.53 -10.35
O4 PGE P . 29.74 -13.48 -13.35
C6 PGE P . 29.14 -13.32 -12.07
C5 PGE P . 28.33 -12.07 -12.00
O3 PGE P . 28.19 -11.62 -10.65
C1 PGE Q . 6.87 30.92 -5.03
O1 PGE Q . 6.79 29.68 -5.71
C2 PGE Q . 5.92 31.93 -5.59
O2 PGE Q . 4.57 31.59 -5.27
C3 PGE Q . 3.81 31.15 -6.40
C4 PGE Q . 2.80 30.15 -5.97
O4 PGE Q . 4.08 25.92 -7.02
C6 PGE Q . 3.59 27.13 -7.57
C5 PGE Q . 2.70 27.86 -6.62
O3 PGE Q . 2.54 29.23 -7.01
C1 PGE R . 9.32 -11.00 3.73
O1 PGE R . 9.03 -9.63 3.51
C2 PGE R . 9.60 -11.29 5.17
O2 PGE R . 10.72 -10.55 5.63
C3 PGE R . 10.90 -10.64 7.03
C4 PGE R . 11.97 -9.72 7.48
O4 PGE R . 15.87 -10.82 6.31
C6 PGE R . 15.55 -10.35 7.62
C5 PGE R . 14.33 -9.47 7.62
O3 PGE R . 13.24 -10.16 7.00
C1 PEG S . 22.41 2.30 -20.88
O1 PEG S . 21.55 1.99 -21.95
C2 PEG S . 23.82 1.87 -21.14
O2 PEG S . 23.86 0.46 -21.28
C3 PEG S . 25.06 -0.01 -21.87
C4 PEG S . 25.05 -1.50 -21.86
O4 PEG S . 25.52 -2.04 -23.09
C1 PEG T . 37.45 5.54 -13.21
O1 PEG T . 37.81 6.91 -13.11
C2 PEG T . 36.22 5.36 -14.05
O2 PEG T . 36.50 5.65 -15.41
C3 PEG T . 35.63 6.65 -15.93
C4 PEG T . 35.86 6.85 -17.38
O4 PEG T . 35.23 8.04 -17.83
C1 PEG U . -52.04 11.06 -2.19
O1 PEG U . -52.81 11.77 -3.15
C2 PEG U . -52.23 11.59 -0.81
O2 PEG U . -51.64 12.87 -0.68
C3 PEG U . -51.93 13.51 0.56
C4 PEG U . -51.32 14.88 0.60
O4 PEG U . -52.12 15.86 -0.05
C1 PEG V . 31.65 -5.49 6.28
O1 PEG V . 32.99 -5.75 6.72
C2 PEG V . 30.67 -6.25 7.11
O2 PEG V . 29.42 -6.37 6.45
C3 PEG V . 29.11 -7.69 6.03
C4 PEG V . 28.51 -8.49 7.13
O4 PEG V . 28.73 -9.88 6.93
C1 PEG W . -49.97 2.75 -13.72
O1 PEG W . -50.68 3.76 -14.41
C2 PEG W . -48.63 3.23 -13.26
O2 PEG W . -48.01 2.26 -12.43
C3 PEG W . -46.94 2.75 -11.66
C4 PEG W . -47.31 2.81 -10.23
O4 PEG W . -47.84 1.57 -9.78
#